data_3FET
#
_entry.id   3FET
#
_cell.length_a   48.696
_cell.length_b   115.358
_cell.length_c   63.462
_cell.angle_alpha   90.00
_cell.angle_beta   109.79
_cell.angle_gamma   90.00
#
_symmetry.space_group_name_H-M   'P 1 21 1'
#
loop_
_entity.id
_entity.type
_entity.pdbx_description
1 polymer 'Electron transfer flavoprotein subunit alpha related protein'
2 water water
#
_entity_poly.entity_id   1
_entity_poly.type   'polypeptide(L)'
_entity_poly.pdbx_seq_one_letter_code
;SNA(MSE)KFLTVSDD(MSE)NFLRQVNTLVAGKGD(MSE)DSVIIGEGDAKGLGSKVLYRAKKGTPFDAVSEGILKIAG
NYDYIAIGSTEVGREIAGYLSFKTGFYTATEIFSLEFNGQKAHTKRFFYGGKTVIEEESDARILTVAPGVIEAKDLGTTP
EIRDLEIGQSRIKITKFV
;
_entity_poly.pdbx_strand_id   A,B,C,D
#
# COMPACT_ATOMS: atom_id res chain seq x y z
N SER A 1 7.77 30.08 23.86
CA SER A 1 7.43 31.44 23.38
C SER A 1 7.78 31.53 21.90
N ASN A 2 8.96 32.04 21.58
CA ASN A 2 9.40 32.01 20.20
C ASN A 2 9.56 30.56 19.64
N ALA A 3 9.18 29.56 20.45
CA ALA A 3 9.34 28.16 20.05
C ALA A 3 8.08 27.63 19.35
N MSE A 4 8.28 26.69 18.44
N MSE A 4 8.28 26.70 18.43
CA MSE A 4 7.16 26.13 17.69
CA MSE A 4 7.15 26.15 17.66
C MSE A 4 6.40 25.08 18.47
C MSE A 4 6.40 25.08 18.43
O MSE A 4 6.98 24.28 19.20
O MSE A 4 7.00 24.27 19.16
CB MSE A 4 7.66 25.49 16.39
CB MSE A 4 7.63 25.61 16.31
CG MSE A 4 8.24 26.48 15.41
CG MSE A 4 8.11 26.70 15.35
SE MSE A 4 8.99 25.43 13.96
SE MSE A 4 6.63 27.74 14.60
CE MSE A 4 10.79 25.09 14.67
CE MSE A 4 6.41 29.08 16.00
N LYS A 5 5.08 25.06 18.27
CA LYS A 5 4.19 24.16 18.97
C LYS A 5 3.58 23.15 18.00
N PHE A 6 3.83 21.87 18.27
CA PHE A 6 3.33 20.76 17.50
C PHE A 6 2.28 19.96 18.27
N LEU A 7 1.29 19.46 17.54
CA LEU A 7 0.45 18.42 18.08
C LEU A 7 0.69 17.21 17.19
N THR A 8 1.14 16.08 17.75
CA THR A 8 1.31 14.86 16.96
C THR A 8 0.13 13.88 17.20
N VAL A 9 -0.22 13.10 16.17
CA VAL A 9 -1.45 12.29 16.17
C VAL A 9 -1.23 10.92 15.49
N SER A 10 -1.77 9.86 16.08
CA SER A 10 -1.79 8.56 15.41
C SER A 10 -2.80 7.64 16.06
N ASP A 11 -3.27 6.66 15.29
CA ASP A 11 -4.10 5.59 15.81
C ASP A 11 -3.21 4.37 16.06
N ASP A 12 -1.90 4.58 16.03
CA ASP A 12 -0.91 3.51 16.32
C ASP A 12 0.21 4.08 17.18
N MSE A 13 0.46 3.47 18.34
CA MSE A 13 1.39 4.01 19.34
C MSE A 13 2.86 4.02 18.87
O MSE A 13 3.56 4.99 19.10
CB MSE A 13 1.25 3.28 20.69
CG MSE A 13 2.10 3.83 21.86
SE MSE A 13 2.04 5.84 22.19
CE MSE A 13 0.71 5.99 23.61
N ASN A 14 3.30 2.94 18.23
CA ASN A 14 4.63 2.89 17.65
C ASN A 14 4.82 4.03 16.64
N PHE A 15 3.81 4.25 15.83
CA PHE A 15 3.84 5.26 14.79
C PHE A 15 3.87 6.65 15.47
N LEU A 16 3.06 6.84 16.52
CA LEU A 16 3.12 8.05 17.31
C LEU A 16 4.54 8.34 17.81
N ARG A 17 5.22 7.29 18.32
CA ARG A 17 6.61 7.45 18.71
C ARG A 17 7.55 7.91 17.56
N GLN A 18 7.36 7.35 16.36
CA GLN A 18 8.16 7.76 15.19
C GLN A 18 7.91 9.25 14.79
N VAL A 19 6.63 9.65 14.78
CA VAL A 19 6.25 11.05 14.51
C VAL A 19 6.89 11.97 15.59
N ASN A 20 6.77 11.60 16.87
CA ASN A 20 7.41 12.40 17.96
C ASN A 20 8.92 12.52 17.81
N THR A 21 9.55 11.45 17.37
CA THR A 21 10.98 11.47 17.04
C THR A 21 11.29 12.44 15.93
N LEU A 22 10.46 12.48 14.89
CA LEU A 22 10.72 13.42 13.81
C LEU A 22 10.60 14.88 14.29
N VAL A 23 9.62 15.15 15.13
CA VAL A 23 9.28 16.51 15.53
C VAL A 23 10.11 16.98 16.74
N ALA A 24 10.59 16.03 17.52
CA ALA A 24 11.28 16.25 18.82
C ALA A 24 12.21 17.44 18.95
N GLY A 25 13.26 17.48 18.13
CA GLY A 25 14.21 18.60 18.23
C GLY A 25 13.68 19.97 17.80
N LYS A 26 12.44 20.01 17.32
CA LYS A 26 11.97 21.17 16.56
C LYS A 26 11.10 22.17 17.30
N GLY A 27 10.44 21.74 18.36
CA GLY A 27 9.70 22.62 19.23
C GLY A 27 9.05 21.80 20.33
N ASP A 28 8.13 22.40 21.07
CA ASP A 28 7.39 21.68 22.08
C ASP A 28 6.28 20.83 21.40
N MSE A 29 5.96 19.69 22.00
N MSE A 29 5.86 19.75 22.06
CA MSE A 29 4.87 18.88 21.47
CA MSE A 29 4.88 18.86 21.47
C MSE A 29 3.89 18.33 22.51
C MSE A 29 3.90 18.22 22.46
O MSE A 29 4.25 18.03 23.66
O MSE A 29 4.29 17.76 23.54
CB MSE A 29 5.36 17.76 20.51
CB MSE A 29 5.61 17.79 20.65
CG MSE A 29 5.85 16.48 21.13
CG MSE A 29 7.02 17.54 21.12
SE MSE A 29 7.02 15.51 19.87
SE MSE A 29 7.16 15.88 22.06
CE MSE A 29 8.54 16.72 19.96
CE MSE A 29 8.26 14.93 20.77
N ASP A 30 2.63 18.23 22.08
CA ASP A 30 1.58 17.46 22.74
C ASP A 30 1.21 16.34 21.77
N SER A 31 0.45 15.33 22.25
CA SER A 31 0.05 14.23 21.34
C SER A 31 -1.38 13.76 21.47
N VAL A 32 -1.89 13.16 20.41
CA VAL A 32 -3.19 12.44 20.46
C VAL A 32 -2.91 10.99 20.11
N ILE A 33 -3.41 10.08 20.93
CA ILE A 33 -3.42 8.65 20.59
C ILE A 33 -4.89 8.20 20.49
N ILE A 34 -5.21 7.49 19.42
CA ILE A 34 -6.50 6.85 19.32
C ILE A 34 -6.25 5.37 19.62
N GLY A 35 -6.80 4.89 20.72
CA GLY A 35 -6.56 3.50 21.10
C GLY A 35 -5.45 3.36 22.13
N GLU A 36 -4.82 2.19 22.12
CA GLU A 36 -4.03 1.72 23.23
C GLU A 36 -2.58 2.04 23.03
N GLY A 37 -1.82 1.95 24.10
CA GLY A 37 -0.41 2.21 24.05
C GLY A 37 -0.03 2.78 25.38
N ASP A 38 1.15 2.41 25.84
CA ASP A 38 1.68 2.90 27.09
C ASP A 38 2.39 4.22 26.73
N ALA A 39 2.15 5.27 27.52
CA ALA A 39 2.68 6.60 27.23
C ALA A 39 4.13 6.82 27.63
N LYS A 40 4.76 5.82 28.25
CA LYS A 40 6.07 6.01 28.87
C LYS A 40 7.15 6.33 27.85
N GLY A 41 7.94 7.37 28.14
CA GLY A 41 9.01 7.77 27.24
C GLY A 41 8.55 8.44 25.97
N LEU A 42 7.25 8.76 25.88
CA LEU A 42 6.66 9.43 24.69
C LEU A 42 7.25 10.83 24.46
N GLY A 43 7.51 11.57 25.53
CA GLY A 43 8.23 12.83 25.42
C GLY A 43 7.33 14.04 25.27
N SER A 44 6.05 13.82 25.01
CA SER A 44 5.05 14.89 24.87
C SER A 44 4.86 15.60 26.19
N LYS A 45 4.36 16.83 26.16
CA LYS A 45 3.99 17.48 27.42
C LYS A 45 2.68 16.90 27.92
N VAL A 46 1.70 16.85 27.02
CA VAL A 46 0.34 16.35 27.31
C VAL A 46 -0.02 15.27 26.25
N LEU A 47 -0.64 14.17 26.67
CA LEU A 47 -1.17 13.18 25.73
C LEU A 47 -2.68 13.11 25.91
N TYR A 48 -3.40 13.45 24.85
CA TYR A 48 -4.84 13.31 24.80
C TYR A 48 -5.17 11.90 24.28
N ARG A 49 -6.08 11.21 24.96
CA ARG A 49 -6.35 9.81 24.65
C ARG A 49 -7.78 9.68 24.19
N ALA A 50 -7.97 9.01 23.05
CA ALA A 50 -9.33 8.62 22.62
C ALA A 50 -9.49 7.12 22.74
N LYS A 51 -10.73 6.70 22.93
CA LYS A 51 -11.13 5.30 23.01
C LYS A 51 -10.87 4.59 21.68
N LYS A 52 -10.42 3.36 21.80
CA LYS A 52 -10.16 2.51 20.63
C LYS A 52 -11.40 2.35 19.73
N GLY A 53 -11.20 2.48 18.44
CA GLY A 53 -12.32 2.42 17.52
C GLY A 53 -13.31 3.58 17.60
N THR A 54 -12.92 4.70 18.23
CA THR A 54 -13.72 5.93 18.13
C THR A 54 -13.73 6.35 16.65
N PRO A 55 -14.94 6.56 16.07
CA PRO A 55 -15.04 6.95 14.66
C PRO A 55 -14.18 8.18 14.35
N PHE A 56 -13.45 8.12 13.22
CA PHE A 56 -12.45 9.14 12.89
C PHE A 56 -13.00 10.56 12.77
N ASP A 57 -14.29 10.72 12.51
CA ASP A 57 -14.87 12.06 12.45
C ASP A 57 -15.05 12.68 13.84
N ALA A 58 -15.48 11.87 14.81
CA ALA A 58 -15.58 12.30 16.22
C ALA A 58 -14.19 12.63 16.79
N VAL A 59 -13.17 11.86 16.40
CA VAL A 59 -11.78 12.18 16.76
C VAL A 59 -11.33 13.52 16.17
N SER A 60 -11.52 13.72 14.86
CA SER A 60 -11.16 14.93 14.15
C SER A 60 -11.80 16.18 14.71
N GLU A 61 -13.07 16.09 15.12
CA GLU A 61 -13.76 17.21 15.72
C GLU A 61 -13.17 17.49 17.10
N GLY A 62 -12.79 16.44 17.82
CA GLY A 62 -12.01 16.63 19.05
C GLY A 62 -10.66 17.35 18.88
N ILE A 63 -9.91 16.98 17.85
CA ILE A 63 -8.60 17.58 17.57
C ILE A 63 -8.79 19.05 17.16
N LEU A 64 -9.83 19.27 16.36
CA LEU A 64 -10.14 20.60 15.88
C LEU A 64 -10.37 21.58 17.04
N LYS A 65 -11.03 21.12 18.10
CA LYS A 65 -11.24 21.90 19.31
C LYS A 65 -9.95 22.41 19.91
N ILE A 66 -8.87 21.62 19.81
CA ILE A 66 -7.59 22.09 20.41
C ILE A 66 -6.56 22.55 19.37
N ALA A 67 -6.87 22.43 18.08
CA ALA A 67 -5.86 22.60 17.01
C ALA A 67 -5.29 24.04 16.94
N GLY A 68 -6.13 25.03 17.27
CA GLY A 68 -5.72 26.46 17.43
C GLY A 68 -4.66 26.72 18.49
N ASN A 69 -4.44 25.74 19.39
CA ASN A 69 -3.33 25.82 20.32
C ASN A 69 -1.96 25.48 19.72
N TYR A 70 -1.90 25.12 18.44
CA TYR A 70 -0.64 24.62 17.86
C TYR A 70 -0.23 25.32 16.57
N ASP A 71 1.07 25.31 16.27
CA ASP A 71 1.55 25.80 14.95
C ASP A 71 1.42 24.79 13.84
N TYR A 72 1.63 23.51 14.16
CA TYR A 72 1.65 22.42 13.18
C TYR A 72 1.04 21.19 13.82
N ILE A 73 0.41 20.36 13.00
CA ILE A 73 -0.17 19.12 13.45
C ILE A 73 0.42 18.05 12.53
N ALA A 74 1.08 17.06 13.12
CA ALA A 74 1.80 16.03 12.36
C ALA A 74 1.15 14.70 12.68
N ILE A 75 0.70 14.00 11.64
CA ILE A 75 -0.12 12.82 11.79
C ILE A 75 0.58 11.66 11.08
N GLY A 76 0.61 10.50 11.73
CA GLY A 76 1.09 9.30 11.09
C GLY A 76 0.15 8.98 9.92
N SER A 77 0.74 8.72 8.76
CA SER A 77 -0.06 8.34 7.61
C SER A 77 -0.56 6.87 7.67
N THR A 78 -1.73 6.70 8.28
CA THR A 78 -2.50 5.44 8.24
C THR A 78 -3.86 5.76 7.61
N GLU A 79 -4.68 4.75 7.30
CA GLU A 79 -6.05 5.07 6.81
C GLU A 79 -6.75 6.13 7.65
N VAL A 80 -6.77 5.93 8.96
CA VAL A 80 -7.46 6.87 9.83
C VAL A 80 -6.77 8.25 9.89
N GLY A 81 -5.45 8.23 9.90
CA GLY A 81 -4.67 9.45 10.03
C GLY A 81 -4.89 10.33 8.82
N ARG A 82 -4.98 9.69 7.63
CA ARG A 82 -5.20 10.46 6.41
C ARG A 82 -6.61 11.05 6.37
N GLU A 83 -7.62 10.31 6.87
CA GLU A 83 -8.95 10.89 6.98
C GLU A 83 -8.97 12.07 7.97
N ILE A 84 -8.24 11.93 9.08
CA ILE A 84 -8.13 13.01 10.07
C ILE A 84 -7.44 14.23 9.44
N ALA A 85 -6.33 14.00 8.73
CA ALA A 85 -5.67 15.11 8.03
C ALA A 85 -6.60 15.85 7.06
N GLY A 86 -7.34 15.13 6.22
CA GLY A 86 -8.20 15.75 5.20
C GLY A 86 -9.30 16.57 5.86
N TYR A 87 -9.83 16.03 6.92
CA TYR A 87 -10.83 16.72 7.75
C TYR A 87 -10.27 18.03 8.34
N LEU A 88 -9.07 17.94 8.93
CA LEU A 88 -8.50 19.14 9.56
C LEU A 88 -8.12 20.21 8.55
N SER A 89 -7.59 19.76 7.40
CA SER A 89 -7.23 20.58 6.27
C SER A 89 -8.41 21.39 5.82
N PHE A 90 -9.51 20.69 5.63
CA PHE A 90 -10.73 21.33 5.20
C PHE A 90 -11.22 22.35 6.23
N LYS A 91 -11.33 21.95 7.49
CA LYS A 91 -11.90 22.84 8.48
C LYS A 91 -11.02 24.05 8.78
N THR A 92 -9.69 23.89 8.78
CA THR A 92 -8.77 24.98 9.17
C THR A 92 -8.38 25.84 7.98
N GLY A 93 -8.47 25.27 6.78
CA GLY A 93 -7.99 25.93 5.57
C GLY A 93 -6.51 25.79 5.33
N PHE A 94 -5.81 25.00 6.14
CA PHE A 94 -4.37 24.83 5.95
C PHE A 94 -4.04 23.73 4.92
N TYR A 95 -2.96 23.94 4.18
CA TYR A 95 -2.48 22.97 3.24
C TYR A 95 -1.81 21.81 3.98
N THR A 96 -1.84 20.61 3.36
CA THR A 96 -1.22 19.42 3.90
C THR A 96 -0.02 19.00 3.07
N ALA A 97 1.14 18.88 3.71
CA ALA A 97 2.32 18.21 3.14
C ALA A 97 2.27 16.72 3.49
N THR A 98 2.16 15.86 2.48
CA THR A 98 1.86 14.46 2.71
C THR A 98 3.07 13.50 2.61
N GLU A 99 2.98 12.41 3.36
CA GLU A 99 3.90 11.29 3.30
C GLU A 99 5.38 11.69 3.57
N ILE A 100 5.60 12.69 4.41
CA ILE A 100 6.98 13.21 4.52
C ILE A 100 7.89 12.24 5.28
N PHE A 101 9.17 12.24 4.91
CA PHE A 101 10.18 11.52 5.67
C PHE A 101 11.16 12.49 6.33
N SER A 102 11.02 13.77 6.00
CA SER A 102 11.99 14.77 6.42
C SER A 102 11.29 16.10 6.68
N LEU A 103 11.60 16.73 7.82
CA LEU A 103 11.02 18.03 8.14
C LEU A 103 12.15 18.91 8.68
N GLU A 104 12.45 20.00 7.99
CA GLU A 104 13.42 20.99 8.44
C GLU A 104 12.85 22.42 8.38
N PHE A 105 13.31 23.30 9.25
CA PHE A 105 13.01 24.73 9.18
C PHE A 105 14.33 25.45 9.00
N ASN A 106 14.45 26.25 7.95
CA ASN A 106 15.62 27.09 7.80
C ASN A 106 15.34 28.36 8.57
N GLY A 107 14.17 28.94 8.32
CA GLY A 107 13.70 30.04 9.12
C GLY A 107 12.32 29.76 9.68
N GLN A 108 11.33 30.28 8.99
CA GLN A 108 9.94 30.26 9.39
C GLN A 108 9.18 29.15 8.70
N LYS A 109 9.62 28.80 7.49
CA LYS A 109 8.89 27.89 6.63
C LYS A 109 9.39 26.46 6.78
N ALA A 110 8.46 25.54 6.58
CA ALA A 110 8.73 24.14 6.68
C ALA A 110 9.22 23.65 5.33
N HIS A 111 10.40 23.07 5.34
CA HIS A 111 10.91 22.37 4.18
C HIS A 111 10.73 20.86 4.36
N THR A 112 10.02 20.21 3.44
CA THR A 112 9.74 18.77 3.54
C THR A 112 10.24 17.97 2.35
N LYS A 113 10.44 16.68 2.56
CA LYS A 113 10.66 15.70 1.50
C LYS A 113 9.79 14.45 1.70
N ARG A 114 9.38 13.85 0.58
CA ARG A 114 8.58 12.62 0.57
C ARG A 114 9.10 11.84 -0.59
N PHE A 115 8.92 10.52 -0.54
CA PHE A 115 9.24 9.68 -1.69
C PHE A 115 8.03 9.57 -2.62
N PHE A 116 8.32 9.34 -3.89
CA PHE A 116 7.33 9.05 -4.93
C PHE A 116 7.77 7.76 -5.64
N TYR A 117 6.82 6.94 -6.06
CA TYR A 117 7.08 5.76 -6.92
C TYR A 117 7.90 4.70 -6.22
N GLY A 118 7.67 4.51 -4.92
CA GLY A 118 8.36 3.49 -4.11
C GLY A 118 9.75 3.86 -3.59
N GLY A 119 10.24 5.04 -3.95
CA GLY A 119 11.53 5.50 -3.50
C GLY A 119 12.40 5.96 -4.65
N LYS A 120 11.90 5.81 -5.87
N LYS A 120 11.89 5.81 -5.87
CA LYS A 120 12.65 6.18 -7.06
CA LYS A 120 12.64 6.18 -7.06
C LYS A 120 12.86 7.69 -7.13
C LYS A 120 12.85 7.69 -7.13
N THR A 121 11.91 8.44 -6.58
CA THR A 121 11.92 9.92 -6.70
C THR A 121 11.73 10.61 -5.34
N VAL A 122 12.42 11.72 -5.11
CA VAL A 122 12.19 12.53 -3.92
C VAL A 122 11.58 13.87 -4.37
N ILE A 123 10.50 14.26 -3.71
CA ILE A 123 9.75 15.47 -3.95
C ILE A 123 9.99 16.33 -2.71
N GLU A 124 10.64 17.48 -2.91
N GLU A 124 10.63 17.46 -2.97
CA GLU A 124 10.80 18.50 -1.83
CA GLU A 124 11.01 18.44 -1.99
C GLU A 124 9.84 19.66 -2.04
C GLU A 124 10.10 19.64 -2.20
N GLU A 125 9.25 20.15 -0.94
N GLU A 125 9.61 20.20 -1.09
CA GLU A 125 8.41 21.34 -1.00
CA GLU A 125 8.71 21.35 -1.14
C GLU A 125 8.93 22.31 0.05
C GLU A 125 8.97 22.30 0.02
N GLU A 126 8.76 23.60 -0.22
CA GLU A 126 8.75 24.57 0.85
C GLU A 126 7.41 25.20 0.71
N SER A 127 6.46 24.73 1.48
CA SER A 127 5.14 25.27 1.32
C SER A 127 4.67 25.93 2.61
N ASP A 128 3.43 26.32 2.63
CA ASP A 128 2.89 26.90 3.86
C ASP A 128 2.17 25.85 4.70
N ALA A 129 2.37 24.56 4.37
CA ALA A 129 1.78 23.43 5.07
C ALA A 129 1.84 23.56 6.60
N ARG A 130 0.68 23.49 7.25
CA ARG A 130 0.62 23.47 8.73
C ARG A 130 0.13 22.11 9.18
N ILE A 131 -0.31 21.29 8.24
CA ILE A 131 -0.70 19.94 8.57
C ILE A 131 0.25 19.01 7.81
N LEU A 132 0.82 18.04 8.51
CA LEU A 132 1.81 17.16 7.92
C LEU A 132 1.38 15.73 8.17
N THR A 133 1.47 14.86 7.15
CA THR A 133 1.39 13.43 7.43
C THR A 133 2.76 12.80 7.16
N VAL A 134 3.12 11.83 8.00
CA VAL A 134 4.45 11.26 8.03
C VAL A 134 4.35 9.85 7.47
N ALA A 135 5.21 9.50 6.52
CA ALA A 135 5.22 8.15 5.96
C ALA A 135 5.50 7.05 7.01
N PRO A 136 4.91 5.86 6.80
CA PRO A 136 5.26 4.71 7.65
C PRO A 136 6.67 4.20 7.35
N GLY A 137 7.41 3.82 8.40
CA GLY A 137 8.68 3.11 8.24
C GLY A 137 9.89 4.00 8.01
N VAL A 138 9.69 5.33 7.97
CA VAL A 138 10.80 6.22 7.59
C VAL A 138 11.65 6.76 8.74
N ILE A 139 11.09 6.82 9.95
CA ILE A 139 11.79 7.32 11.13
C ILE A 139 11.91 6.17 12.15
N GLU A 140 13.10 5.93 12.68
N GLU A 140 13.11 5.91 12.67
CA GLU A 140 13.26 4.98 13.78
CA GLU A 140 13.25 4.96 13.78
C GLU A 140 12.93 5.70 15.08
C GLU A 140 12.94 5.69 15.08
N ALA A 141 12.05 5.13 15.89
CA ALA A 141 11.64 5.78 17.13
C ALA A 141 12.77 5.76 18.17
N LYS A 142 13.01 6.91 18.83
CA LYS A 142 13.90 6.97 20.01
C LYS A 142 13.07 7.20 21.25
N ASP A 143 13.40 6.53 22.35
CA ASP A 143 12.79 6.82 23.66
C ASP A 143 13.14 8.26 24.03
N LEU A 144 12.15 9.09 24.25
CA LEU A 144 12.45 10.50 24.57
C LEU A 144 12.60 10.75 26.09
N GLY A 145 12.27 9.74 26.90
CA GLY A 145 12.74 9.69 28.28
C GLY A 145 11.98 10.46 29.36
N THR A 146 10.79 10.97 29.00
CA THR A 146 9.84 11.54 29.94
C THR A 146 8.44 11.11 29.53
N THR A 147 7.50 11.22 30.45
CA THR A 147 6.17 10.68 30.27
C THR A 147 5.18 11.84 30.41
N PRO A 148 4.24 11.96 29.45
CA PRO A 148 3.30 13.05 29.46
C PRO A 148 2.17 12.94 30.51
N GLU A 149 1.62 14.09 30.90
CA GLU A 149 0.35 14.15 31.57
C GLU A 149 -0.71 13.58 30.61
N ILE A 150 -1.55 12.67 31.10
CA ILE A 150 -2.58 12.03 30.27
C ILE A 150 -3.90 12.76 30.46
N ARG A 151 -4.61 13.03 29.36
CA ARG A 151 -6.00 13.50 29.44
C ARG A 151 -6.83 12.83 28.39
N ASP A 152 -8.16 12.98 28.52
CA ASP A 152 -9.11 12.47 27.51
C ASP A 152 -9.32 13.50 26.42
N LEU A 153 -9.23 13.07 25.16
CA LEU A 153 -9.68 13.92 24.08
C LEU A 153 -11.20 14.11 24.25
N GLU A 154 -11.65 15.36 24.21
N GLU A 154 -11.66 15.35 24.19
CA GLU A 154 -13.08 15.67 24.18
CA GLU A 154 -13.09 15.63 24.20
C GLU A 154 -13.55 15.37 22.76
C GLU A 154 -13.58 15.37 22.78
N ILE A 155 -14.28 14.27 22.61
CA ILE A 155 -14.64 13.76 21.30
C ILE A 155 -15.87 14.48 20.71
N GLY A 156 -15.91 14.60 19.39
CA GLY A 156 -17.03 15.26 18.73
C GLY A 156 -18.17 14.29 18.44
N GLN A 157 -19.12 14.76 17.63
CA GLN A 157 -20.22 13.93 17.15
C GLN A 157 -19.74 13.14 15.91
N SER A 158 -20.29 11.96 15.69
CA SER A 158 -19.98 11.18 14.49
C SER A 158 -21.16 11.13 13.51
N ARG A 159 -20.92 11.46 12.25
CA ARG A 159 -21.96 11.38 11.24
C ARG A 159 -21.75 10.19 10.30
N ILE A 160 -20.59 9.53 10.34
CA ILE A 160 -20.36 8.40 9.43
C ILE A 160 -21.15 7.14 9.80
N LYS A 161 -21.48 6.34 8.81
CA LYS A 161 -22.09 5.06 9.07
C LYS A 161 -21.06 3.94 8.80
N ILE A 162 -20.94 3.04 9.78
CA ILE A 162 -19.89 2.02 9.77
C ILE A 162 -20.44 0.60 9.67
N THR A 163 -20.07 -0.12 8.63
CA THR A 163 -20.54 -1.49 8.44
C THR A 163 -19.32 -2.38 8.44
N LYS A 164 -19.25 -3.34 9.35
CA LYS A 164 -18.14 -4.32 9.37
C LYS A 164 -18.56 -5.62 8.71
N PHE A 165 -17.61 -6.37 8.16
CA PHE A 165 -17.96 -7.59 7.39
C PHE A 165 -17.33 -8.88 7.91
N ALA B 3 20.95 -14.86 -24.77
CA ALA B 3 20.64 -16.31 -24.83
C ALA B 3 19.67 -16.67 -23.72
N MSE B 4 19.90 -16.25 -22.46
CA MSE B 4 18.84 -16.49 -21.43
C MSE B 4 17.45 -16.14 -21.95
O MSE B 4 17.28 -15.15 -22.68
CB MSE B 4 19.07 -15.71 -20.12
CG MSE B 4 20.40 -15.93 -19.47
SE MSE B 4 20.45 -14.65 -18.00
CE MSE B 4 20.39 -12.92 -18.92
N LYS B 5 16.46 -16.93 -21.53
CA LYS B 5 15.08 -16.86 -22.03
C LYS B 5 14.12 -16.43 -20.92
N PHE B 6 13.41 -15.32 -21.14
CA PHE B 6 12.48 -14.77 -20.15
C PHE B 6 11.03 -14.90 -20.57
N LEU B 7 10.16 -15.07 -19.58
CA LEU B 7 8.75 -14.89 -19.74
C LEU B 7 8.29 -13.79 -18.83
N THR B 8 7.74 -12.73 -19.38
CA THR B 8 7.25 -11.65 -18.55
C THR B 8 5.73 -11.77 -18.43
N VAL B 9 5.17 -11.42 -17.26
CA VAL B 9 3.77 -11.71 -16.94
C VAL B 9 3.12 -10.53 -16.24
N SER B 10 1.90 -10.18 -16.65
CA SER B 10 1.10 -9.23 -15.85
C SER B 10 -0.42 -9.31 -16.08
N ASP B 11 -1.18 -8.67 -15.21
CA ASP B 11 -2.63 -8.52 -15.45
C ASP B 11 -2.97 -7.06 -15.79
N ASP B 12 -1.93 -6.28 -16.11
CA ASP B 12 -2.03 -4.89 -16.48
C ASP B 12 -1.08 -4.66 -17.67
N MSE B 13 -1.61 -4.18 -18.82
CA MSE B 13 -0.79 -4.03 -20.02
C MSE B 13 0.31 -2.97 -19.85
O MSE B 13 1.45 -3.21 -20.20
CB MSE B 13 -1.64 -3.73 -21.28
CG MSE B 13 -0.84 -3.66 -22.62
SE MSE B 13 0.33 -5.24 -22.99
CE MSE B 13 -0.88 -6.51 -23.88
N ASN B 14 -0.03 -1.80 -19.29
CA ASN B 14 0.99 -0.78 -18.96
C ASN B 14 2.13 -1.38 -18.11
N PHE B 15 1.78 -2.15 -17.08
CA PHE B 15 2.78 -2.78 -16.21
C PHE B 15 3.57 -3.79 -17.03
N LEU B 16 2.90 -4.61 -17.86
CA LEU B 16 3.63 -5.59 -18.69
C LEU B 16 4.73 -4.92 -19.53
N ARG B 17 4.46 -3.70 -20.04
CA ARG B 17 5.45 -2.93 -20.81
C ARG B 17 6.68 -2.46 -20.00
N GLN B 18 6.43 -2.08 -18.74
CA GLN B 18 7.49 -1.67 -17.81
C GLN B 18 8.35 -2.89 -17.54
N VAL B 19 7.72 -4.01 -17.22
CA VAL B 19 8.48 -5.25 -17.07
C VAL B 19 9.34 -5.56 -18.31
N ASN B 20 8.73 -5.46 -19.49
CA ASN B 20 9.43 -5.79 -20.72
C ASN B 20 10.57 -4.82 -20.99
N THR B 21 10.35 -3.54 -20.68
CA THR B 21 11.44 -2.53 -20.77
C THR B 21 12.59 -2.92 -19.87
N LEU B 22 12.31 -3.36 -18.64
CA LEU B 22 13.36 -3.73 -17.71
C LEU B 22 14.19 -4.91 -18.26
N VAL B 23 13.52 -5.91 -18.81
CA VAL B 23 14.15 -7.16 -19.21
C VAL B 23 14.73 -7.04 -20.61
N ALA B 24 14.50 -5.90 -21.27
CA ALA B 24 14.84 -5.68 -22.70
C ALA B 24 16.18 -6.27 -23.18
N GLY B 25 17.25 -5.84 -22.58
CA GLY B 25 18.54 -6.15 -23.18
C GLY B 25 19.07 -7.55 -22.95
N LYS B 26 18.43 -8.29 -22.03
CA LYS B 26 19.11 -9.33 -21.29
C LYS B 26 19.05 -10.69 -21.95
N GLY B 27 18.21 -10.83 -22.98
CA GLY B 27 17.84 -12.15 -23.49
C GLY B 27 16.56 -12.14 -24.36
N ASP B 28 16.25 -13.30 -24.96
CA ASP B 28 14.91 -13.53 -25.57
C ASP B 28 13.78 -13.31 -24.53
N MSE B 29 12.58 -12.99 -25.02
CA MSE B 29 11.46 -12.58 -24.18
C MSE B 29 10.12 -12.95 -24.80
O MSE B 29 9.82 -12.51 -25.92
CB MSE B 29 11.54 -11.08 -24.01
CG MSE B 29 10.65 -10.50 -22.96
SE MSE B 29 11.10 -8.61 -22.77
CE MSE B 29 10.73 -8.01 -24.60
N ASP B 30 9.37 -13.81 -24.13
CA ASP B 30 7.93 -14.01 -24.41
C ASP B 30 7.14 -13.36 -23.31
N SER B 31 5.82 -13.22 -23.49
CA SER B 31 4.99 -12.64 -22.41
C SER B 31 3.63 -13.29 -22.25
N VAL B 32 2.96 -12.99 -21.14
CA VAL B 32 1.62 -13.46 -20.85
C VAL B 32 0.89 -12.23 -20.36
N ILE B 33 -0.25 -11.93 -20.99
CA ILE B 33 -1.14 -10.87 -20.49
C ILE B 33 -2.45 -11.53 -20.02
N ILE B 34 -2.92 -11.13 -18.84
CA ILE B 34 -4.23 -11.59 -18.39
C ILE B 34 -5.13 -10.38 -18.61
N GLY B 35 -6.04 -10.47 -19.57
CA GLY B 35 -6.98 -9.37 -19.81
C GLY B 35 -6.59 -8.60 -21.06
N GLU B 36 -6.98 -7.32 -21.11
CA GLU B 36 -7.04 -6.53 -22.35
C GLU B 36 -5.80 -5.70 -22.63
N GLY B 37 -5.66 -5.22 -23.84
CA GLY B 37 -4.56 -4.35 -24.19
C GLY B 37 -3.91 -4.71 -25.52
N ASP B 38 -3.49 -3.66 -26.24
CA ASP B 38 -2.84 -3.75 -27.54
C ASP B 38 -1.42 -4.30 -27.35
N ALA B 39 -1.09 -5.36 -28.08
CA ALA B 39 0.22 -5.98 -28.02
C ALA B 39 1.30 -5.23 -28.81
N LYS B 40 0.94 -4.09 -29.41
CA LYS B 40 1.83 -3.29 -30.29
C LYS B 40 3.09 -2.77 -29.60
N GLY B 41 4.27 -3.11 -30.13
CA GLY B 41 5.54 -2.63 -29.57
C GLY B 41 6.00 -3.27 -28.26
N LEU B 42 5.35 -4.37 -27.87
CA LEU B 42 5.66 -5.06 -26.64
C LEU B 42 7.07 -5.68 -26.65
N GLY B 43 7.59 -5.97 -27.84
CA GLY B 43 8.95 -6.46 -27.98
C GLY B 43 9.13 -7.96 -27.80
N SER B 44 8.17 -8.66 -27.20
CA SER B 44 8.25 -10.13 -27.06
C SER B 44 8.08 -10.83 -28.40
N LYS B 45 8.64 -12.02 -28.54
CA LYS B 45 8.41 -12.88 -29.71
C LYS B 45 6.98 -13.48 -29.72
N VAL B 46 6.51 -13.93 -28.57
CA VAL B 46 5.21 -14.57 -28.47
C VAL B 46 4.44 -13.97 -27.28
N LEU B 47 3.17 -13.66 -27.47
CA LEU B 47 2.31 -13.20 -26.37
C LEU B 47 1.14 -14.16 -26.13
N TYR B 48 1.13 -14.78 -24.95
CA TYR B 48 0.07 -15.67 -24.55
C TYR B 48 -0.97 -14.81 -23.85
N ARG B 49 -2.23 -14.99 -24.24
CA ARG B 49 -3.30 -14.19 -23.65
C ARG B 49 -4.27 -15.04 -22.88
N ALA B 50 -4.80 -14.48 -21.78
CA ALA B 50 -5.89 -15.08 -20.99
C ALA B 50 -6.97 -14.03 -20.79
N LYS B 51 -8.21 -14.45 -20.65
CA LYS B 51 -9.33 -13.52 -20.50
C LYS B 51 -9.18 -12.75 -19.21
N LYS B 52 -9.66 -11.49 -19.18
CA LYS B 52 -9.60 -10.71 -17.94
C LYS B 52 -10.44 -11.43 -16.88
N GLY B 53 -10.00 -11.35 -15.63
CA GLY B 53 -10.64 -12.09 -14.53
C GLY B 53 -10.33 -13.60 -14.47
N THR B 54 -9.42 -14.13 -15.30
CA THR B 54 -9.14 -15.57 -15.14
C THR B 54 -8.54 -15.80 -13.74
N PRO B 55 -9.08 -16.75 -12.96
CA PRO B 55 -8.49 -16.97 -11.63
C PRO B 55 -6.98 -17.23 -11.69
N PHE B 56 -6.24 -16.68 -10.71
CA PHE B 56 -4.74 -16.76 -10.68
C PHE B 56 -4.19 -18.19 -10.74
N ASP B 57 -4.90 -19.14 -10.14
CA ASP B 57 -4.39 -20.52 -10.11
C ASP B 57 -4.55 -21.18 -11.48
N ALA B 58 -5.68 -20.90 -12.16
CA ALA B 58 -5.87 -21.34 -13.55
C ALA B 58 -4.82 -20.75 -14.49
N VAL B 59 -4.50 -19.47 -14.33
CA VAL B 59 -3.43 -18.83 -15.12
C VAL B 59 -2.03 -19.45 -14.81
N SER B 60 -1.75 -19.66 -13.52
CA SER B 60 -0.49 -20.24 -13.04
C SER B 60 -0.26 -21.62 -13.62
N GLU B 61 -1.31 -22.44 -13.58
CA GLU B 61 -1.30 -23.76 -14.23
C GLU B 61 -1.06 -23.67 -15.72
N GLY B 62 -1.66 -22.68 -16.39
CA GLY B 62 -1.36 -22.44 -17.83
C GLY B 62 0.09 -22.09 -18.09
N ILE B 63 0.63 -21.23 -17.23
CA ILE B 63 2.05 -20.82 -17.28
C ILE B 63 2.99 -22.00 -17.07
N LEU B 64 2.68 -22.85 -16.10
CA LEU B 64 3.44 -24.06 -15.84
C LEU B 64 3.47 -25.02 -17.03
N LYS B 65 2.51 -24.98 -17.93
CA LYS B 65 2.64 -25.81 -19.14
C LYS B 65 3.84 -25.39 -20.01
N ILE B 66 4.26 -24.12 -19.90
CA ILE B 66 5.33 -23.59 -20.77
C ILE B 66 6.60 -23.16 -20.02
N ALA B 67 6.57 -23.21 -18.68
CA ALA B 67 7.61 -22.58 -17.85
C ALA B 67 8.99 -23.21 -18.08
N GLY B 68 8.97 -24.45 -18.56
CA GLY B 68 10.17 -25.21 -18.86
C GLY B 68 10.93 -24.63 -20.01
N ASN B 69 10.25 -23.86 -20.88
CA ASN B 69 10.91 -23.20 -22.01
C ASN B 69 11.72 -21.98 -21.57
N TYR B 70 11.60 -21.58 -20.30
CA TYR B 70 12.20 -20.33 -19.86
C TYR B 70 13.20 -20.50 -18.72
N ASP B 71 14.16 -19.60 -18.66
CA ASP B 71 15.12 -19.51 -17.58
C ASP B 71 14.57 -18.67 -16.42
N TYR B 72 13.84 -17.59 -16.71
CA TYR B 72 13.36 -16.67 -15.65
C TYR B 72 11.96 -16.26 -15.97
N ILE B 73 11.13 -16.04 -14.95
CA ILE B 73 9.79 -15.50 -15.15
C ILE B 73 9.74 -14.24 -14.30
N ALA B 74 9.38 -13.13 -14.92
CA ALA B 74 9.42 -11.81 -14.33
C ALA B 74 7.97 -11.31 -14.37
N ILE B 75 7.38 -10.99 -13.21
CA ILE B 75 5.96 -10.71 -13.09
C ILE B 75 5.78 -9.30 -12.53
N GLY B 76 4.86 -8.49 -13.07
CA GLY B 76 4.59 -7.21 -12.40
C GLY B 76 3.98 -7.45 -11.02
N SER B 77 4.42 -6.70 -10.02
CA SER B 77 3.89 -6.92 -8.67
C SER B 77 2.53 -6.19 -8.47
N THR B 78 1.47 -6.92 -8.75
CA THR B 78 0.07 -6.51 -8.50
C THR B 78 -0.47 -7.60 -7.60
N GLU B 79 -1.69 -7.41 -7.08
CA GLU B 79 -2.30 -8.48 -6.25
C GLU B 79 -2.24 -9.82 -6.92
N VAL B 80 -2.73 -9.88 -8.16
CA VAL B 80 -2.77 -11.15 -8.93
C VAL B 80 -1.33 -11.61 -9.24
N GLY B 81 -0.47 -10.65 -9.59
CA GLY B 81 0.90 -10.98 -9.97
C GLY B 81 1.62 -11.68 -8.84
N ARG B 82 1.41 -11.18 -7.62
CA ARG B 82 2.05 -11.83 -6.48
C ARG B 82 1.51 -13.22 -6.18
N GLU B 83 0.22 -13.43 -6.33
CA GLU B 83 -0.34 -14.78 -6.13
C GLU B 83 0.20 -15.74 -7.17
N ILE B 84 0.30 -15.24 -8.40
CA ILE B 84 0.90 -16.07 -9.45
C ILE B 84 2.37 -16.44 -9.10
N ALA B 85 3.18 -15.44 -8.69
CA ALA B 85 4.59 -15.73 -8.31
C ALA B 85 4.68 -16.76 -7.17
N GLY B 86 3.81 -16.64 -6.15
CA GLY B 86 3.92 -17.54 -5.01
C GLY B 86 3.53 -18.93 -5.42
N TYR B 87 2.54 -19.02 -6.29
CA TYR B 87 2.10 -20.32 -6.88
C TYR B 87 3.18 -20.97 -7.74
N LEU B 88 3.78 -20.16 -8.61
CA LEU B 88 4.87 -20.63 -9.46
C LEU B 88 6.09 -21.06 -8.65
N SER B 89 6.42 -20.28 -7.63
N SER B 89 6.46 -20.28 -7.63
CA SER B 89 7.51 -20.61 -6.73
CA SER B 89 7.57 -20.66 -6.75
C SER B 89 7.28 -21.95 -6.04
C SER B 89 7.30 -21.98 -6.02
N PHE B 90 6.08 -22.15 -5.49
CA PHE B 90 5.72 -23.39 -4.84
C PHE B 90 5.82 -24.57 -5.81
N LYS B 91 5.30 -24.44 -7.03
CA LYS B 91 5.28 -25.58 -7.98
C LYS B 91 6.65 -25.87 -8.54
N THR B 92 7.46 -24.84 -8.77
CA THR B 92 8.76 -25.04 -9.43
C THR B 92 9.87 -25.28 -8.46
N GLY B 93 9.70 -24.86 -7.22
CA GLY B 93 10.78 -24.95 -6.26
C GLY B 93 11.74 -23.78 -6.30
N PHE B 94 11.50 -22.80 -7.15
CA PHE B 94 12.47 -21.68 -7.30
C PHE B 94 12.23 -20.50 -6.35
N TYR B 95 13.33 -19.84 -5.97
CA TYR B 95 13.30 -18.63 -5.17
C TYR B 95 12.74 -17.45 -6.00
N THR B 96 12.05 -16.53 -5.32
CA THR B 96 11.47 -15.31 -5.91
C THR B 96 12.22 -14.13 -5.33
N ALA B 97 12.80 -13.30 -6.20
CA ALA B 97 13.32 -11.97 -5.79
C ALA B 97 12.19 -10.96 -6.00
N THR B 98 11.81 -10.18 -5.00
CA THR B 98 10.56 -9.46 -5.06
C THR B 98 10.72 -7.98 -5.14
N GLU B 99 9.72 -7.34 -5.74
CA GLU B 99 9.61 -5.89 -5.75
C GLU B 99 10.85 -5.21 -6.33
N ILE B 100 11.44 -5.81 -7.35
CA ILE B 100 12.74 -5.27 -7.87
C ILE B 100 12.63 -4.00 -8.76
N PHE B 101 13.67 -3.15 -8.73
CA PHE B 101 13.70 -2.04 -9.66
C PHE B 101 14.94 -2.16 -10.50
N SER B 102 15.77 -3.16 -10.21
CA SER B 102 16.96 -3.31 -11.00
C SER B 102 17.24 -4.78 -11.20
N LEU B 103 17.62 -5.14 -12.42
CA LEU B 103 18.00 -6.54 -12.70
C LEU B 103 19.29 -6.64 -13.47
N GLU B 104 20.29 -7.34 -12.91
CA GLU B 104 21.47 -7.70 -13.67
C GLU B 104 21.81 -9.16 -13.33
N PHE B 105 22.82 -9.69 -14.00
CA PHE B 105 23.18 -11.06 -13.79
C PHE B 105 24.65 -11.19 -13.47
N ASN B 106 24.94 -11.97 -12.44
CA ASN B 106 26.30 -12.34 -12.17
C ASN B 106 26.43 -13.85 -12.44
N GLY B 107 26.84 -14.24 -13.65
CA GLY B 107 26.82 -15.67 -14.03
C GLY B 107 25.38 -16.15 -14.11
N GLN B 108 25.05 -17.16 -13.32
CA GLN B 108 23.63 -17.58 -13.25
C GLN B 108 22.81 -16.81 -12.23
N LYS B 109 23.46 -16.13 -11.29
CA LYS B 109 22.69 -15.41 -10.26
C LYS B 109 22.04 -14.12 -10.74
N ALA B 110 20.83 -13.88 -10.27
CA ALA B 110 20.14 -12.63 -10.49
C ALA B 110 20.64 -11.64 -9.42
N HIS B 111 21.14 -10.52 -9.88
CA HIS B 111 21.70 -9.48 -9.04
C HIS B 111 20.64 -8.39 -9.11
N THR B 112 19.85 -8.27 -8.03
CA THR B 112 18.66 -7.41 -7.99
C THR B 112 18.82 -6.35 -6.90
N LYS B 113 18.08 -5.27 -7.05
CA LYS B 113 17.85 -4.30 -5.98
C LYS B 113 16.37 -4.05 -5.80
N ARG B 114 15.94 -3.80 -4.56
CA ARG B 114 14.58 -3.35 -4.30
C ARG B 114 14.64 -2.27 -3.22
N PHE B 115 13.60 -1.45 -3.14
CA PHE B 115 13.46 -0.49 -2.06
C PHE B 115 12.84 -1.16 -0.85
N PHE B 116 13.16 -0.63 0.33
CA PHE B 116 12.49 -0.97 1.58
C PHE B 116 12.15 0.37 2.25
N TYR B 117 11.15 0.34 3.14
CA TYR B 117 10.71 1.53 3.89
C TYR B 117 10.35 2.72 3.00
N GLY B 118 9.55 2.43 1.98
CA GLY B 118 9.16 3.42 0.96
C GLY B 118 10.28 4.10 0.18
N GLY B 119 11.51 3.59 0.29
CA GLY B 119 12.62 4.14 -0.48
C GLY B 119 13.76 4.64 0.36
N LYS B 120 13.57 4.58 1.68
CA LYS B 120 14.59 4.93 2.67
C LYS B 120 15.82 3.99 2.64
N THR B 121 15.63 2.77 2.11
CA THR B 121 16.61 1.69 2.15
C THR B 121 16.59 0.96 0.77
N VAL B 122 17.77 0.53 0.31
CA VAL B 122 17.89 -0.34 -0.88
C VAL B 122 18.46 -1.67 -0.41
N ILE B 123 17.81 -2.77 -0.78
CA ILE B 123 18.28 -4.14 -0.47
C ILE B 123 18.85 -4.64 -1.80
N GLU B 124 20.11 -5.03 -1.81
CA GLU B 124 20.75 -5.57 -3.01
C GLU B 124 21.09 -7.04 -2.78
N GLU B 125 20.59 -7.93 -3.63
CA GLU B 125 20.86 -9.37 -3.49
C GLU B 125 21.48 -9.97 -4.73
N GLU B 126 22.20 -11.08 -4.57
CA GLU B 126 22.52 -11.96 -5.70
C GLU B 126 22.08 -13.32 -5.24
N SER B 127 21.08 -13.90 -5.87
CA SER B 127 20.50 -15.13 -5.35
C SER B 127 20.31 -16.02 -6.55
N ASP B 128 19.81 -17.23 -6.34
CA ASP B 128 19.46 -18.13 -7.45
C ASP B 128 17.97 -17.96 -7.84
N ALA B 129 17.40 -16.78 -7.61
CA ALA B 129 16.02 -16.50 -8.03
C ALA B 129 15.80 -16.77 -9.50
N ARG B 130 14.68 -17.43 -9.81
CA ARG B 130 14.23 -17.57 -11.18
C ARG B 130 12.85 -17.02 -11.36
N ILE B 131 12.21 -16.63 -10.28
CA ILE B 131 11.00 -15.94 -10.43
C ILE B 131 11.29 -14.56 -9.90
N LEU B 132 10.80 -13.52 -10.57
CA LEU B 132 11.07 -12.17 -10.15
C LEU B 132 9.76 -11.40 -10.13
N THR B 133 9.56 -10.54 -9.13
CA THR B 133 8.45 -9.62 -9.26
C THR B 133 9.02 -8.23 -9.38
N VAL B 134 8.35 -7.35 -10.12
CA VAL B 134 8.88 -6.04 -10.40
C VAL B 134 7.97 -4.99 -9.74
N ALA B 135 8.58 -4.03 -9.03
CA ALA B 135 7.84 -3.05 -8.27
C ALA B 135 7.05 -2.16 -9.24
N PRO B 136 5.87 -1.70 -8.81
CA PRO B 136 5.14 -0.73 -9.64
C PRO B 136 5.78 0.66 -9.70
N GLY B 137 5.68 1.30 -10.85
CA GLY B 137 6.05 2.72 -11.03
C GLY B 137 7.53 3.01 -11.02
N VAL B 138 8.36 1.96 -10.96
CA VAL B 138 9.80 2.21 -10.87
C VAL B 138 10.47 2.23 -12.23
N ILE B 139 9.86 1.57 -13.22
CA ILE B 139 10.45 1.50 -14.57
C ILE B 139 9.56 2.28 -15.49
N GLU B 140 10.15 3.04 -16.40
CA GLU B 140 9.36 3.75 -17.40
C GLU B 140 9.30 2.93 -18.67
N ALA B 141 8.09 2.71 -19.16
CA ALA B 141 7.87 1.90 -20.35
C ALA B 141 8.42 2.60 -21.60
N LYS B 142 9.10 1.83 -22.43
CA LYS B 142 9.53 2.29 -23.76
C LYS B 142 8.90 1.39 -24.80
N ASP B 143 8.49 1.98 -25.91
CA ASP B 143 8.10 1.23 -27.10
C ASP B 143 9.30 0.38 -27.60
N LEU B 144 9.10 -0.92 -27.76
CA LEU B 144 10.20 -1.81 -28.14
C LEU B 144 10.18 -2.25 -29.59
N GLY B 145 9.45 -1.51 -30.42
CA GLY B 145 9.40 -1.72 -31.87
C GLY B 145 8.36 -2.75 -32.25
N THR B 146 8.76 -4.02 -32.18
CA THR B 146 7.99 -5.13 -32.74
C THR B 146 6.81 -5.57 -31.89
N THR B 147 5.98 -6.41 -32.50
CA THR B 147 4.74 -6.87 -31.92
C THR B 147 4.79 -8.40 -31.95
N PRO B 148 4.33 -9.06 -30.87
CA PRO B 148 4.40 -10.51 -30.82
C PRO B 148 3.34 -11.26 -31.65
N GLU B 149 3.69 -12.47 -32.08
CA GLU B 149 2.73 -13.52 -32.39
C GLU B 149 1.80 -13.76 -31.19
N ILE B 150 0.51 -13.92 -31.46
CA ILE B 150 -0.50 -14.05 -30.41
C ILE B 150 -0.92 -15.50 -30.28
N ARG B 151 -0.94 -15.98 -29.03
CA ARG B 151 -1.44 -17.31 -28.71
C ARG B 151 -2.33 -17.16 -27.51
N ASP B 152 -3.14 -18.17 -27.26
CA ASP B 152 -3.98 -18.27 -26.09
C ASP B 152 -3.21 -19.06 -25.05
N LEU B 153 -3.15 -18.55 -23.83
CA LEU B 153 -2.65 -19.35 -22.73
C LEU B 153 -3.62 -20.51 -22.55
N GLU B 154 -3.07 -21.70 -22.27
CA GLU B 154 -3.88 -22.88 -22.08
C GLU B 154 -4.12 -23.00 -20.55
N ILE B 155 -5.10 -22.23 -20.09
CA ILE B 155 -5.31 -22.05 -18.67
C ILE B 155 -5.74 -23.39 -18.07
N GLY B 156 -5.39 -23.58 -16.79
CA GLY B 156 -5.59 -24.88 -16.14
C GLY B 156 -6.91 -24.91 -15.40
N GLN B 157 -7.07 -25.88 -14.51
CA GLN B 157 -8.30 -25.95 -13.71
C GLN B 157 -8.18 -24.89 -12.59
N SER B 158 -9.31 -24.32 -12.19
CA SER B 158 -9.32 -23.43 -11.04
C SER B 158 -10.10 -24.04 -9.89
N ARG B 159 -9.51 -23.90 -8.71
CA ARG B 159 -9.99 -24.48 -7.48
C ARG B 159 -10.41 -23.46 -6.42
N ILE B 160 -10.09 -22.19 -6.60
CA ILE B 160 -10.42 -21.22 -5.56
C ILE B 160 -11.87 -20.83 -5.69
N LYS B 161 -12.47 -20.39 -4.61
CA LYS B 161 -13.83 -19.90 -4.68
C LYS B 161 -13.83 -18.37 -4.58
N ILE B 162 -14.64 -17.72 -5.42
CA ILE B 162 -14.61 -16.27 -5.56
C ILE B 162 -16.01 -15.76 -5.33
N THR B 163 -16.18 -14.95 -4.29
CA THR B 163 -17.45 -14.31 -3.99
C THR B 163 -17.28 -12.81 -4.18
N LYS B 164 -18.31 -12.17 -4.71
N LYS B 164 -18.30 -12.17 -4.73
CA LYS B 164 -18.28 -10.74 -4.95
CA LYS B 164 -18.24 -10.74 -4.96
C LYS B 164 -19.17 -9.97 -3.98
C LYS B 164 -19.16 -9.97 -4.01
N PHE B 165 -18.61 -8.89 -3.44
CA PHE B 165 -19.30 -7.98 -2.50
C PHE B 165 -20.68 -7.57 -3.02
N ALA C 3 -27.97 19.31 -16.00
CA ALA C 3 -27.11 18.13 -15.63
C ALA C 3 -25.95 18.57 -14.77
N MSE C 4 -25.49 17.70 -13.88
CA MSE C 4 -24.23 17.96 -13.16
C MSE C 4 -23.06 17.76 -14.10
O MSE C 4 -23.15 16.96 -15.04
CB MSE C 4 -24.09 17.04 -11.98
CG MSE C 4 -25.26 17.07 -11.04
SE MSE C 4 -24.93 15.71 -9.67
CE MSE C 4 -25.71 14.12 -10.51
N LYS C 5 -21.98 18.50 -13.85
CA LYS C 5 -20.76 18.43 -14.68
C LYS C 5 -19.58 17.88 -13.90
N PHE C 6 -18.92 16.87 -14.47
CA PHE C 6 -17.79 16.20 -13.83
C PHE C 6 -16.50 16.37 -14.63
N LEU C 7 -15.40 16.51 -13.91
CA LEU C 7 -14.11 16.43 -14.57
C LEU C 7 -13.46 15.21 -13.94
N THR C 8 -13.00 14.24 -14.73
CA THR C 8 -12.37 13.07 -14.17
C THR C 8 -10.87 13.15 -14.45
N VAL C 9 -10.05 12.67 -13.52
CA VAL C 9 -8.61 12.91 -13.57
C VAL C 9 -7.77 11.68 -13.19
N SER C 10 -6.70 11.43 -13.93
CA SER C 10 -5.77 10.37 -13.53
C SER C 10 -4.45 10.47 -14.24
N ASP C 11 -3.40 9.89 -13.66
CA ASP C 11 -2.13 9.74 -14.35
C ASP C 11 -2.00 8.33 -14.91
N ASP C 12 -3.09 7.57 -14.84
CA ASP C 12 -3.12 6.24 -15.41
C ASP C 12 -4.41 6.01 -16.20
N MSE C 13 -4.28 5.60 -17.46
CA MSE C 13 -5.42 5.54 -18.36
C MSE C 13 -6.42 4.44 -17.95
O MSE C 13 -7.63 4.62 -18.06
CB MSE C 13 -4.97 5.36 -19.85
CG MSE C 13 -6.14 5.25 -20.81
SE MSE C 13 -7.37 6.81 -20.79
CE MSE C 13 -6.39 8.01 -22.01
N ASN C 14 -5.94 3.29 -17.51
CA ASN C 14 -6.92 2.27 -17.11
C ASN C 14 -7.69 2.68 -15.87
N PHE C 15 -7.01 3.41 -14.99
CA PHE C 15 -7.65 3.97 -13.81
C PHE C 15 -8.66 5.08 -14.21
N LEU C 16 -8.32 5.85 -15.24
CA LEU C 16 -9.22 6.91 -15.72
C LEU C 16 -10.55 6.28 -16.25
N ARG C 17 -10.41 5.14 -16.93
CA ARG C 17 -11.55 4.36 -17.43
C ARG C 17 -12.45 3.86 -16.29
N GLN C 18 -11.83 3.35 -15.22
CA GLN C 18 -12.54 3.01 -13.98
C GLN C 18 -13.32 4.19 -13.37
N VAL C 19 -12.63 5.32 -13.18
CA VAL C 19 -13.29 6.54 -12.66
C VAL C 19 -14.46 6.96 -13.56
N ASN C 20 -14.23 7.03 -14.88
CA ASN C 20 -15.33 7.34 -15.80
C ASN C 20 -16.51 6.39 -15.72
N THR C 21 -16.19 5.11 -15.56
CA THR C 21 -17.19 4.08 -15.39
C THR C 21 -18.01 4.35 -14.10
N LEU C 22 -17.36 4.78 -13.03
CA LEU C 22 -18.15 5.10 -11.82
C LEU C 22 -19.03 6.34 -12.06
N VAL C 23 -18.48 7.33 -12.74
CA VAL C 23 -19.13 8.62 -12.86
C VAL C 23 -20.23 8.67 -13.95
N ALA C 24 -20.07 7.86 -14.98
CA ALA C 24 -20.81 7.97 -16.26
C ALA C 24 -22.32 8.25 -16.19
N GLY C 25 -23.05 7.52 -15.36
CA GLY C 25 -24.50 7.72 -15.36
C GLY C 25 -24.99 9.05 -14.76
N LYS C 26 -24.09 9.78 -14.10
CA LYS C 26 -24.51 10.86 -13.16
C LYS C 26 -24.63 12.28 -13.74
N GLY C 27 -24.07 12.50 -14.92
CA GLY C 27 -24.10 13.80 -15.57
C GLY C 27 -23.12 13.91 -16.73
N ASP C 28 -22.81 15.14 -17.14
CA ASP C 28 -21.77 15.34 -18.15
C ASP C 28 -20.36 15.09 -17.58
N MSE C 29 -19.42 14.76 -18.46
CA MSE C 29 -18.09 14.34 -18.04
C MSE C 29 -17.00 14.81 -19.01
O MSE C 29 -17.09 14.62 -20.22
CB MSE C 29 -18.10 12.82 -17.91
CG MSE C 29 -16.89 12.23 -17.29
SE MSE C 29 -17.35 10.33 -16.99
CE MSE C 29 -17.61 9.66 -18.82
N ASP C 30 -16.00 15.50 -18.48
CA ASP C 30 -14.74 15.74 -19.20
C ASP C 30 -13.64 15.05 -18.42
N SER C 31 -12.46 14.91 -19.02
CA SER C 31 -11.40 14.11 -18.38
C SER C 31 -10.07 14.76 -18.59
N VAL C 32 -9.16 14.47 -17.67
CA VAL C 32 -7.76 14.90 -17.74
C VAL C 32 -6.93 13.64 -17.67
N ILE C 33 -6.10 13.39 -18.68
CA ILE C 33 -5.10 12.37 -18.53
C ILE C 33 -3.72 12.98 -18.43
N ILE C 34 -2.93 12.52 -17.46
CA ILE C 34 -1.50 12.85 -17.50
C ILE C 34 -0.74 11.69 -18.15
N GLY C 35 -0.09 11.97 -19.27
CA GLY C 35 0.64 10.95 -20.00
C GLY C 35 -0.16 10.22 -21.05
N GLU C 36 0.25 8.99 -21.31
CA GLU C 36 -0.13 8.22 -22.48
C GLU C 36 -1.43 7.47 -22.35
N GLY C 37 -1.99 7.09 -23.49
CA GLY C 37 -3.17 6.22 -23.52
C GLY C 37 -4.16 6.56 -24.60
N ASP C 38 -4.89 5.54 -25.03
CA ASP C 38 -5.91 5.63 -26.06
C ASP C 38 -7.20 6.17 -25.46
N ALA C 39 -7.79 7.18 -26.06
CA ALA C 39 -9.00 7.81 -25.58
C ALA C 39 -10.31 7.02 -25.92
N LYS C 40 -10.17 6.01 -26.77
CA LYS C 40 -11.28 5.25 -27.36
C LYS C 40 -12.20 4.76 -26.26
N GLY C 41 -13.49 5.05 -26.36
CA GLY C 41 -14.42 4.47 -25.41
C GLY C 41 -14.40 5.12 -24.04
N LEU C 42 -13.62 6.20 -23.87
CA LEU C 42 -13.56 6.88 -22.57
C LEU C 42 -14.88 7.54 -22.15
N GLY C 43 -15.68 7.97 -23.12
CA GLY C 43 -17.01 8.46 -22.89
C GLY C 43 -17.17 9.89 -22.39
N SER C 44 -16.07 10.63 -22.22
CA SER C 44 -16.13 12.06 -21.87
C SER C 44 -16.35 12.87 -23.15
N LYS C 45 -16.83 14.10 -23.04
CA LYS C 45 -16.98 14.97 -24.21
C LYS C 45 -15.60 15.44 -24.66
N VAL C 46 -14.86 15.96 -23.70
CA VAL C 46 -13.51 16.45 -23.97
C VAL C 46 -12.44 15.74 -23.09
N LEU C 47 -11.28 15.45 -23.68
CA LEU C 47 -10.11 14.91 -22.98
C LEU C 47 -8.96 15.92 -23.14
N TYR C 48 -8.56 16.50 -22.00
CA TYR C 48 -7.41 17.40 -21.89
C TYR C 48 -6.22 16.51 -21.55
N ARG C 49 -5.14 16.68 -22.29
CA ARG C 49 -3.94 15.90 -22.07
C ARG C 49 -2.86 16.82 -21.54
N ALA C 50 -2.13 16.30 -20.56
CA ALA C 50 -0.86 16.87 -20.13
C ALA C 50 0.24 15.85 -20.39
N LYS C 51 1.44 16.34 -20.71
CA LYS C 51 2.58 15.49 -21.01
C LYS C 51 2.95 14.63 -19.83
N LYS C 52 3.19 13.35 -20.12
CA LYS C 52 3.74 12.42 -19.15
C LYS C 52 4.85 13.11 -18.37
N GLY C 53 4.75 13.09 -17.04
CA GLY C 53 5.81 13.64 -16.22
C GLY C 53 5.64 15.08 -15.79
N THR C 54 4.55 15.72 -16.22
CA THR C 54 4.26 17.07 -15.75
C THR C 54 4.08 17.03 -14.22
N PRO C 55 4.79 17.91 -13.48
CA PRO C 55 4.64 17.94 -12.02
C PRO C 55 3.18 18.16 -11.62
N PHE C 56 2.76 17.50 -10.54
CA PHE C 56 1.37 17.50 -10.13
C PHE C 56 0.81 18.87 -9.81
N ASP C 57 1.64 19.77 -9.30
CA ASP C 57 1.17 21.15 -9.01
C ASP C 57 0.91 21.97 -10.29
N ALA C 58 1.77 21.77 -11.29
CA ALA C 58 1.52 22.30 -12.64
C ALA C 58 0.18 21.79 -13.21
N VAL C 59 -0.06 20.47 -13.13
CA VAL C 59 -1.34 19.88 -13.58
C VAL C 59 -2.52 20.48 -12.80
N SER C 60 -2.33 20.60 -11.48
CA SER C 60 -3.38 21.11 -10.56
C SER C 60 -3.78 22.54 -10.88
N GLU C 61 -2.76 23.36 -11.10
CA GLU C 61 -2.97 24.72 -11.57
C GLU C 61 -3.66 24.77 -12.94
N GLY C 62 -3.28 23.87 -13.85
CA GLY C 62 -4.03 23.73 -15.10
C GLY C 62 -5.52 23.42 -14.88
N ILE C 63 -5.77 22.55 -13.92
CA ILE C 63 -7.13 22.15 -13.62
C ILE C 63 -7.90 23.29 -12.94
N LEU C 64 -7.21 24.05 -12.10
CA LEU C 64 -7.80 25.20 -11.46
C LEU C 64 -8.31 26.20 -12.44
N LYS C 65 -7.64 26.31 -13.59
CA LYS C 65 -8.07 27.25 -14.62
C LYS C 65 -9.45 26.88 -15.09
N ILE C 66 -9.70 25.59 -15.27
CA ILE C 66 -11.00 25.14 -15.81
C ILE C 66 -12.00 24.67 -14.75
N ALA C 67 -11.56 24.57 -13.50
CA ALA C 67 -12.40 24.04 -12.42
C ALA C 67 -13.82 24.59 -12.28
N GLY C 68 -13.99 25.90 -12.46
CA GLY C 68 -15.27 26.59 -12.27
C GLY C 68 -16.35 26.13 -13.23
N ASN C 69 -15.90 25.51 -14.32
CA ASN C 69 -16.77 24.83 -15.28
C ASN C 69 -17.40 23.52 -14.79
N TYR C 70 -17.08 23.07 -13.57
CA TYR C 70 -17.51 21.72 -13.10
C TYR C 70 -18.11 21.78 -11.72
N ASP C 71 -19.02 20.85 -11.43
CA ASP C 71 -19.56 20.74 -10.08
C ASP C 71 -18.72 19.79 -9.23
N TYR C 72 -18.08 18.81 -9.89
CA TYR C 72 -17.32 17.75 -9.23
C TYR C 72 -16.05 17.46 -9.99
N ILE C 73 -15.00 17.12 -9.25
CA ILE C 73 -13.76 16.61 -9.82
C ILE C 73 -13.47 15.26 -9.18
N ALA C 74 -13.39 14.21 -9.99
CA ALA C 74 -13.15 12.89 -9.47
C ALA C 74 -11.84 12.41 -9.99
N ILE C 75 -11.00 11.90 -9.10
CA ILE C 75 -9.59 11.63 -9.39
C ILE C 75 -9.25 10.18 -8.97
N GLY C 76 -8.60 9.42 -9.86
CA GLY C 76 -8.01 8.13 -9.45
C GLY C 76 -7.03 8.30 -8.28
N SER C 77 -7.23 7.51 -7.20
CA SER C 77 -6.31 7.57 -6.09
C SER C 77 -5.02 6.81 -6.32
N THR C 78 -4.06 7.48 -6.97
CA THR C 78 -2.66 7.11 -7.08
C THR C 78 -1.87 8.17 -6.29
N GLU C 79 -0.56 7.99 -6.13
CA GLU C 79 0.23 9.03 -5.45
C GLU C 79 0.03 10.43 -6.04
N VAL C 80 0.05 10.51 -7.36
CA VAL C 80 -0.11 11.79 -8.05
C VAL C 80 -1.54 12.27 -7.92
N GLY C 81 -2.51 11.37 -8.04
CA GLY C 81 -3.89 11.74 -7.93
C GLY C 81 -4.24 12.31 -6.59
N ARG C 82 -3.66 11.73 -5.52
CA ARG C 82 -3.90 12.22 -4.16
C ARG C 82 -3.29 13.63 -3.95
N GLU C 83 -2.09 13.85 -4.46
CA GLU C 83 -1.43 15.12 -4.34
C GLU C 83 -2.25 16.21 -5.06
N ILE C 84 -2.73 15.88 -6.25
CA ILE C 84 -3.63 16.76 -7.00
C ILE C 84 -4.89 17.06 -6.20
N ALA C 85 -5.54 16.01 -5.65
CA ALA C 85 -6.75 16.21 -4.87
C ALA C 85 -6.52 17.19 -3.70
N GLY C 86 -5.35 17.06 -3.06
CA GLY C 86 -4.97 17.93 -1.93
C GLY C 86 -4.73 19.35 -2.36
N TYR C 87 -4.12 19.52 -3.53
CA TYR C 87 -3.84 20.86 -4.04
C TYR C 87 -5.18 21.56 -4.29
N LEU C 88 -6.05 20.85 -5.02
CA LEU C 88 -7.35 21.40 -5.40
C LEU C 88 -8.21 21.68 -4.16
N SER C 89 -8.16 20.79 -3.18
CA SER C 89 -8.91 21.02 -1.94
C SER C 89 -8.49 22.32 -1.32
N PHE C 90 -7.17 22.48 -1.19
CA PHE C 90 -6.60 23.66 -0.58
C PHE C 90 -6.96 24.94 -1.38
N LYS C 91 -6.85 24.91 -2.71
CA LYS C 91 -7.11 26.10 -3.49
C LYS C 91 -8.59 26.43 -3.56
N THR C 92 -9.45 25.42 -3.72
CA THR C 92 -10.89 25.64 -3.87
C THR C 92 -11.63 25.77 -2.54
N GLY C 93 -11.06 25.20 -1.49
CA GLY C 93 -11.74 25.18 -0.20
C GLY C 93 -12.79 24.09 -0.12
N PHE C 94 -12.88 23.20 -1.11
CA PHE C 94 -13.86 22.11 -1.05
C PHE C 94 -13.37 20.87 -0.27
N TYR C 95 -14.31 20.16 0.33
CA TYR C 95 -14.04 18.91 1.02
C TYR C 95 -13.73 17.76 0.04
N THR C 96 -12.91 16.79 0.47
CA THR C 96 -12.62 15.61 -0.35
C THR C 96 -13.18 14.34 0.29
N ALA C 97 -13.94 13.56 -0.48
CA ALA C 97 -14.37 12.25 -0.04
C ALA C 97 -13.38 11.26 -0.66
N THR C 98 -12.79 10.41 0.18
CA THR C 98 -11.58 9.72 -0.27
C THR C 98 -11.78 8.23 -0.52
N GLU C 99 -10.97 7.72 -1.46
CA GLU C 99 -10.87 6.28 -1.72
C GLU C 99 -12.22 5.64 -1.90
N ILE C 100 -13.13 6.32 -2.61
CA ILE C 100 -14.50 5.79 -2.75
C ILE C 100 -14.63 4.59 -3.73
N PHE C 101 -15.62 3.72 -3.48
CA PHE C 101 -16.04 2.74 -4.45
C PHE C 101 -17.48 2.97 -4.93
N SER C 102 -18.19 3.91 -4.32
CA SER C 102 -19.61 4.08 -4.63
C SER C 102 -19.95 5.54 -4.56
N LEU C 103 -20.82 6.02 -5.44
CA LEU C 103 -21.17 7.45 -5.43
C LEU C 103 -22.61 7.61 -5.86
N GLU C 104 -23.40 8.29 -5.03
CA GLU C 104 -24.82 8.59 -5.31
C GLU C 104 -25.18 9.96 -4.74
N PHE C 105 -26.26 10.56 -5.21
CA PHE C 105 -26.66 11.89 -4.70
C PHE C 105 -28.01 11.87 -4.07
N ASN C 106 -28.18 12.60 -2.97
CA ASN C 106 -29.52 12.75 -2.42
C ASN C 106 -30.19 13.85 -3.21
N GLY C 107 -29.63 15.05 -3.08
CA GLY C 107 -30.01 16.21 -3.88
C GLY C 107 -28.69 16.63 -4.49
N GLN C 108 -27.97 17.50 -3.80
CA GLN C 108 -26.64 17.92 -4.25
C GLN C 108 -25.49 17.29 -3.44
N LYS C 109 -25.79 16.85 -2.21
CA LYS C 109 -24.83 16.12 -1.33
C LYS C 109 -24.38 14.81 -1.95
N ALA C 110 -23.07 14.58 -1.93
CA ALA C 110 -22.49 13.32 -2.38
C ALA C 110 -22.73 12.26 -1.29
N HIS C 111 -23.31 11.13 -1.69
CA HIS C 111 -23.42 9.98 -0.82
C HIS C 111 -22.40 8.91 -1.29
N THR C 112 -21.34 8.73 -0.52
CA THR C 112 -20.23 7.85 -0.93
C THR C 112 -20.06 6.67 0.03
N LYS C 113 -19.44 5.62 -0.47
CA LYS C 113 -18.92 4.53 0.37
C LYS C 113 -17.45 4.25 0.07
N ARG C 114 -16.70 3.87 1.11
CA ARG C 114 -15.31 3.45 0.97
C ARG C 114 -15.04 2.25 1.88
N PHE C 115 -14.03 1.46 1.50
CA PHE C 115 -13.51 0.38 2.36
C PHE C 115 -12.48 0.93 3.34
N PHE C 116 -12.50 0.35 4.54
CA PHE C 116 -11.41 0.49 5.48
C PHE C 116 -10.78 -0.90 5.67
N TYR C 117 -9.46 -0.94 5.85
CA TYR C 117 -8.69 -2.19 6.15
C TYR C 117 -8.77 -3.23 5.07
N GLY C 118 -8.59 -2.81 3.84
CA GLY C 118 -8.67 -3.66 2.65
C GLY C 118 -9.96 -4.46 2.50
N GLY C 119 -11.04 -4.03 3.15
CA GLY C 119 -12.33 -4.70 2.97
C GLY C 119 -13.13 -5.12 4.18
N LYS C 120 -12.50 -5.08 5.36
CA LYS C 120 -13.16 -5.46 6.63
C LYS C 120 -14.37 -4.55 6.97
N THR C 121 -14.26 -3.28 6.63
CA THR C 121 -15.25 -2.26 7.03
C THR C 121 -15.62 -1.41 5.83
N VAL C 122 -16.90 -1.06 5.71
CA VAL C 122 -17.36 -0.04 4.78
C VAL C 122 -17.76 1.21 5.58
N ILE C 123 -17.27 2.35 5.13
CA ILE C 123 -17.64 3.66 5.72
C ILE C 123 -18.56 4.35 4.68
N GLU C 124 -19.72 4.76 5.16
CA GLU C 124 -20.71 5.41 4.32
C GLU C 124 -20.91 6.82 4.86
N GLU C 125 -20.80 7.81 3.97
CA GLU C 125 -20.87 9.23 4.33
C GLU C 125 -21.84 10.02 3.42
N GLU C 126 -22.45 11.04 4.00
CA GLU C 126 -23.01 12.11 3.18
C GLU C 126 -22.27 13.39 3.47
N SER C 127 -21.73 14.01 2.43
CA SER C 127 -20.93 15.19 2.64
C SER C 127 -21.24 16.24 1.57
N ASP C 128 -20.57 17.38 1.70
CA ASP C 128 -20.56 18.45 0.72
C ASP C 128 -19.33 18.33 -0.18
N ALA C 129 -18.65 17.18 -0.13
CA ALA C 129 -17.45 16.98 -0.94
C ALA C 129 -17.73 17.28 -2.41
N ARG C 130 -16.86 18.07 -3.01
CA ARG C 130 -16.90 18.35 -4.44
C ARG C 130 -15.66 17.77 -5.12
N ILE C 131 -14.76 17.22 -4.32
CA ILE C 131 -13.57 16.57 -4.83
C ILE C 131 -13.61 15.13 -4.34
N LEU C 132 -13.37 14.18 -5.23
CA LEU C 132 -13.47 12.77 -4.89
C LEU C 132 -12.26 12.05 -5.38
N THR C 133 -11.78 11.09 -4.60
CA THR C 133 -10.79 10.14 -5.08
C THR C 133 -11.42 8.76 -5.07
N VAL C 134 -11.09 7.94 -6.08
CA VAL C 134 -11.68 6.61 -6.25
C VAL C 134 -10.59 5.61 -5.91
N ALA C 135 -10.91 4.61 -5.10
CA ALA C 135 -9.93 3.58 -4.76
C ALA C 135 -9.49 2.75 -5.97
N PRO C 136 -8.24 2.25 -5.97
CA PRO C 136 -7.79 1.40 -7.08
C PRO C 136 -8.49 0.04 -7.04
N GLY C 137 -8.86 -0.43 -8.24
CA GLY C 137 -9.35 -1.80 -8.46
C GLY C 137 -10.76 -2.18 -8.03
N VAL C 138 -11.56 -1.20 -7.60
CA VAL C 138 -12.89 -1.48 -7.02
C VAL C 138 -14.00 -1.33 -8.07
N ILE C 139 -13.71 -0.59 -9.14
CA ILE C 139 -14.63 -0.43 -10.25
C ILE C 139 -14.13 -1.24 -11.44
N GLU C 140 -15.02 -2.02 -12.04
CA GLU C 140 -14.71 -2.72 -13.30
C GLU C 140 -14.89 -1.77 -14.47
N ALA C 141 -13.78 -1.31 -15.07
CA ALA C 141 -13.84 -0.40 -16.23
C ALA C 141 -14.73 -1.00 -17.32
N LYS C 142 -15.70 -0.22 -17.82
CA LYS C 142 -16.47 -0.53 -19.01
C LYS C 142 -16.06 0.39 -20.16
N ASP C 143 -16.22 -0.09 -21.40
CA ASP C 143 -16.13 0.76 -22.62
C ASP C 143 -17.45 1.55 -22.63
N LEU C 144 -17.40 2.87 -22.74
CA LEU C 144 -18.62 3.66 -22.55
C LEU C 144 -19.22 4.20 -23.83
N GLY C 145 -18.78 3.69 -24.97
CA GLY C 145 -19.49 3.91 -26.21
C GLY C 145 -19.11 5.11 -27.06
N THR C 146 -18.38 6.07 -26.52
CA THR C 146 -17.92 7.21 -27.31
C THR C 146 -16.48 7.61 -27.02
N THR C 147 -15.92 8.45 -27.89
CA THR C 147 -14.51 8.84 -27.78
C THR C 147 -14.45 10.36 -27.74
N PRO C 148 -13.85 10.95 -26.70
CA PRO C 148 -13.85 12.40 -26.59
C PRO C 148 -12.94 13.05 -27.65
N GLU C 149 -13.22 14.30 -28.02
CA GLU C 149 -12.24 15.11 -28.72
C GLU C 149 -11.08 15.39 -27.76
N ILE C 150 -9.89 15.52 -28.35
CA ILE C 150 -8.67 15.73 -27.61
C ILE C 150 -8.19 17.19 -27.69
N ARG C 151 -7.73 17.70 -26.56
CA ARG C 151 -7.20 19.06 -26.42
C ARG C 151 -6.04 18.98 -25.42
N ASP C 152 -5.18 19.98 -25.41
CA ASP C 152 -4.09 19.98 -24.45
C ASP C 152 -4.48 20.79 -23.24
N LEU C 153 -4.18 20.26 -22.06
CA LEU C 153 -4.34 20.98 -20.80
C LEU C 153 -3.35 22.14 -20.73
N GLU C 154 -3.87 23.34 -20.59
CA GLU C 154 -3.00 24.50 -20.35
C GLU C 154 -2.54 24.44 -18.92
N ILE C 155 -1.29 24.09 -18.72
CA ILE C 155 -0.78 23.86 -17.39
C ILE C 155 -0.27 25.15 -16.76
N GLY C 156 -0.21 25.16 -15.42
CA GLY C 156 0.30 26.33 -14.71
C GLY C 156 1.75 26.17 -14.30
N GLN C 157 2.20 27.02 -13.38
CA GLN C 157 3.56 26.95 -12.81
C GLN C 157 3.80 25.75 -11.86
N SER C 158 5.06 25.34 -11.72
CA SER C 158 5.45 24.32 -10.73
C SER C 158 6.45 24.87 -9.71
N ARG C 159 6.18 24.63 -8.42
CA ARG C 159 7.12 25.05 -7.36
C ARG C 159 7.90 23.89 -6.74
N ILE C 160 7.50 22.64 -6.97
CA ILE C 160 8.13 21.50 -6.29
C ILE C 160 9.50 21.16 -6.89
N LYS C 161 10.41 20.65 -6.07
CA LYS C 161 11.73 20.20 -6.51
C LYS C 161 11.79 18.65 -6.60
N ILE C 162 12.09 18.12 -7.79
CA ILE C 162 12.04 16.67 -8.07
C ILE C 162 13.44 16.05 -8.25
N THR C 163 13.73 14.97 -7.52
CA THR C 163 15.03 14.31 -7.56
C THR C 163 14.82 12.82 -7.83
N LYS C 164 15.43 12.32 -8.92
CA LYS C 164 15.36 10.90 -9.31
C LYS C 164 16.50 10.09 -8.68
N PHE C 165 16.23 8.83 -8.35
N PHE C 165 16.23 8.81 -8.43
CA PHE C 165 17.21 7.95 -7.69
CA PHE C 165 17.21 7.88 -7.87
C PHE C 165 18.12 7.28 -8.69
C PHE C 165 17.17 6.53 -8.58
N ASN D 2 -3.43 -34.41 19.73
CA ASN D 2 -2.33 -33.40 19.86
C ASN D 2 -2.64 -32.03 19.23
N ALA D 3 -2.51 -30.97 20.02
CA ALA D 3 -2.80 -29.63 19.50
C ALA D 3 -1.85 -29.28 18.33
N MSE D 4 -2.42 -28.63 17.33
CA MSE D 4 -1.71 -27.94 16.26
C MSE D 4 -0.66 -27.00 16.93
O MSE D 4 -0.93 -26.41 17.96
CB MSE D 4 -2.78 -27.10 15.56
CG MSE D 4 -2.62 -26.67 14.12
SE MSE D 4 -4.04 -27.38 12.92
CE MSE D 4 -3.17 -29.14 12.98
N LYS D 5 0.54 -26.89 16.36
CA LYS D 5 1.58 -26.00 16.90
C LYS D 5 1.83 -24.85 15.90
N PHE D 6 1.74 -23.61 16.38
CA PHE D 6 1.92 -22.43 15.55
C PHE D 6 3.10 -21.61 16.00
N LEU D 7 3.80 -21.03 15.05
CA LEU D 7 4.81 -20.03 15.38
C LEU D 7 4.27 -18.76 14.68
N THR D 8 4.05 -17.67 15.43
CA THR D 8 3.52 -16.44 14.82
C THR D 8 4.69 -15.45 14.74
N VAL D 9 4.77 -14.64 13.69
CA VAL D 9 5.97 -13.84 13.40
C VAL D 9 5.59 -12.40 13.02
N SER D 10 6.26 -11.39 13.58
CA SER D 10 6.12 -10.01 12.98
C SER D 10 7.30 -9.12 13.35
N ASP D 11 7.50 -8.05 12.59
CA ASP D 11 8.43 -6.99 12.98
C ASP D 11 7.63 -5.84 13.60
N ASP D 12 6.39 -6.11 13.98
CA ASP D 12 5.54 -5.07 14.57
C ASP D 12 4.75 -5.70 15.69
N MSE D 13 4.90 -5.17 16.92
CA MSE D 13 4.26 -5.83 18.05
C MSE D 13 2.73 -5.86 17.95
O MSE D 13 2.13 -6.88 18.21
CB MSE D 13 4.72 -5.24 19.43
CG MSE D 13 4.08 -5.96 20.64
SE MSE D 13 4.45 -7.91 20.77
CE MSE D 13 6.26 -7.83 21.49
N ASN D 14 2.11 -4.73 17.59
N ASN D 14 2.09 -4.73 17.61
CA ASN D 14 0.64 -4.65 17.43
CA ASN D 14 0.64 -4.67 17.45
C ASN D 14 0.14 -5.66 16.39
C ASN D 14 0.13 -5.67 16.40
N PHE D 15 0.88 -5.79 15.29
CA PHE D 15 0.56 -6.77 14.26
C PHE D 15 0.67 -8.21 14.82
N LEU D 16 1.70 -8.45 15.66
CA LEU D 16 1.87 -9.76 16.28
C LEU D 16 0.68 -10.13 17.20
N ARG D 17 0.18 -9.17 17.99
CA ARG D 17 -1.06 -9.36 18.73
C ARG D 17 -2.28 -9.72 17.85
N GLN D 18 -2.44 -9.10 16.67
CA GLN D 18 -3.54 -9.44 15.72
C GLN D 18 -3.36 -10.89 15.21
N VAL D 19 -2.15 -11.22 14.78
CA VAL D 19 -1.88 -12.59 14.31
C VAL D 19 -2.18 -13.59 15.41
N ASN D 20 -1.71 -13.31 16.62
CA ASN D 20 -2.00 -14.16 17.78
C ASN D 20 -3.49 -14.31 18.03
N THR D 21 -4.24 -13.21 17.90
CA THR D 21 -5.72 -13.26 18.07
C THR D 21 -6.39 -14.17 17.04
N LEU D 22 -5.95 -14.12 15.79
CA LEU D 22 -6.50 -15.00 14.76
C LEU D 22 -6.24 -16.49 15.13
N VAL D 23 -5.03 -16.76 15.57
CA VAL D 23 -4.56 -18.13 15.75
C VAL D 23 -4.93 -18.76 17.11
N ALA D 24 -5.17 -17.92 18.13
CA ALA D 24 -5.10 -18.32 19.53
C ALA D 24 -5.93 -19.54 19.92
N GLY D 25 -7.15 -19.66 19.41
CA GLY D 25 -7.93 -20.82 19.82
C GLY D 25 -7.59 -22.12 19.12
N LYS D 26 -6.64 -22.10 18.19
CA LYS D 26 -6.46 -23.21 17.24
C LYS D 26 -5.40 -24.23 17.64
N GLY D 27 -4.54 -23.86 18.58
CA GLY D 27 -3.50 -24.76 19.04
C GLY D 27 -2.56 -24.01 19.91
N ASP D 28 -1.38 -24.58 20.18
CA ASP D 28 -0.40 -23.82 20.95
C ASP D 28 0.34 -22.86 20.04
N MSE D 29 0.82 -21.75 20.62
CA MSE D 29 1.57 -20.75 19.91
C MSE D 29 2.83 -20.35 20.64
O MSE D 29 2.80 -20.13 21.87
CB MSE D 29 0.80 -19.44 19.66
CG MSE D 29 -0.69 -19.47 19.63
SE MSE D 29 -1.16 -17.59 19.27
CE MSE D 29 -1.22 -16.85 21.07
N ASP D 30 3.91 -20.27 19.87
CA ASP D 30 5.11 -19.51 20.21
C ASP D 30 5.17 -18.35 19.20
N SER D 31 6.03 -17.35 19.44
CA SER D 31 6.09 -16.16 18.59
C SER D 31 7.53 -15.69 18.41
N VAL D 32 7.75 -14.90 17.38
CA VAL D 32 9.01 -14.26 17.06
C VAL D 32 8.66 -12.78 16.87
N ILE D 33 9.32 -11.89 17.62
CA ILE D 33 9.20 -10.46 17.36
C ILE D 33 10.57 -9.97 16.83
N ILE D 34 10.59 -9.19 15.76
CA ILE D 34 11.78 -8.46 15.37
C ILE D 34 11.67 -7.05 15.93
N GLY D 35 12.50 -6.74 16.90
CA GLY D 35 12.46 -5.43 17.49
C GLY D 35 11.84 -5.40 18.86
N GLU D 36 11.37 -4.19 19.17
CA GLU D 36 10.87 -3.82 20.47
C GLU D 36 9.38 -4.14 20.64
N GLY D 37 8.96 -4.19 21.90
CA GLY D 37 7.57 -4.42 22.25
C GLY D 37 7.43 -5.13 23.57
N ASP D 38 6.42 -4.71 24.34
CA ASP D 38 6.07 -5.31 25.60
C ASP D 38 5.28 -6.59 25.31
N ALA D 39 5.65 -7.69 25.97
CA ALA D 39 5.05 -9.01 25.68
C ALA D 39 3.83 -9.38 26.54
N LYS D 40 3.39 -8.49 27.41
CA LYS D 40 2.30 -8.84 28.32
C LYS D 40 1.01 -9.13 27.54
N GLY D 41 0.32 -10.21 27.90
CA GLY D 41 -0.93 -10.65 27.25
C GLY D 41 -0.84 -11.25 25.84
N LEU D 42 0.37 -11.48 25.34
CA LEU D 42 0.58 -11.92 23.98
C LEU D 42 0.00 -13.32 23.71
N GLY D 43 -0.16 -14.14 24.74
CA GLY D 43 -0.82 -15.44 24.54
C GLY D 43 0.14 -16.58 24.19
N SER D 44 1.36 -16.22 23.80
CA SER D 44 2.35 -17.21 23.43
C SER D 44 2.98 -17.87 24.67
N LYS D 45 3.43 -19.11 24.52
N LYS D 45 3.41 -19.12 24.51
CA LYS D 45 4.22 -19.75 25.54
CA LYS D 45 4.23 -19.78 25.53
C LYS D 45 5.67 -19.24 25.53
C LYS D 45 5.66 -19.24 25.53
N VAL D 46 6.29 -19.20 24.35
CA VAL D 46 7.65 -18.66 24.22
C VAL D 46 7.66 -17.52 23.19
N LEU D 47 8.36 -16.43 23.50
CA LEU D 47 8.61 -15.36 22.55
C LEU D 47 10.09 -15.26 22.27
N TYR D 48 10.48 -15.55 21.06
CA TYR D 48 11.85 -15.38 20.60
C TYR D 48 12.02 -13.91 20.15
N ARG D 49 13.09 -13.23 20.58
CA ARG D 49 13.28 -11.88 20.07
C ARG D 49 14.51 -11.78 19.20
N ALA D 50 14.40 -10.98 18.17
CA ALA D 50 15.56 -10.56 17.39
C ALA D 50 15.65 -9.03 17.44
N LYS D 51 16.88 -8.51 17.46
CA LYS D 51 17.13 -7.07 17.51
C LYS D 51 16.51 -6.35 16.35
N LYS D 52 15.93 -5.18 16.63
CA LYS D 52 15.38 -4.35 15.58
C LYS D 52 16.34 -4.20 14.36
N GLY D 53 15.78 -4.28 13.16
CA GLY D 53 16.58 -4.13 11.94
C GLY D 53 17.56 -5.25 11.58
N THR D 54 17.51 -6.38 12.30
CA THR D 54 18.23 -7.59 11.88
C THR D 54 17.78 -7.90 10.44
N PRO D 55 18.72 -8.16 9.52
CA PRO D 55 18.33 -8.50 8.13
C PRO D 55 17.33 -9.70 8.07
N PHE D 56 16.36 -9.60 7.16
CA PHE D 56 15.24 -10.54 7.13
C PHE D 56 15.71 -11.99 6.87
N ASP D 57 16.78 -12.13 6.12
CA ASP D 57 17.32 -13.46 5.82
C ASP D 57 18.02 -14.09 7.04
N ALA D 58 18.68 -13.28 7.86
CA ALA D 58 19.29 -13.77 9.13
C ALA D 58 18.16 -14.16 10.09
N VAL D 59 17.11 -13.33 10.11
CA VAL D 59 15.93 -13.68 10.90
C VAL D 59 15.34 -15.00 10.38
N SER D 60 15.22 -15.12 9.04
CA SER D 60 14.56 -16.28 8.44
C SER D 60 15.35 -17.52 8.77
N GLU D 61 16.68 -17.41 8.70
CA GLU D 61 17.53 -18.54 9.11
C GLU D 61 17.35 -18.95 10.55
N GLY D 62 17.13 -17.98 11.45
CA GLY D 62 16.94 -18.30 12.86
C GLY D 62 15.60 -19.02 13.06
N ILE D 63 14.60 -18.63 12.27
CA ILE D 63 13.30 -19.30 12.29
C ILE D 63 13.40 -20.76 11.77
N LEU D 64 14.15 -20.97 10.68
CA LEU D 64 14.39 -22.32 10.15
C LEU D 64 14.99 -23.24 11.14
N LYS D 65 15.72 -22.71 12.13
CA LYS D 65 16.41 -23.58 13.10
C LYS D 65 15.38 -24.21 14.01
N ILE D 66 14.22 -23.57 14.13
CA ILE D 66 13.18 -24.07 15.04
C ILE D 66 11.88 -24.49 14.29
N ALA D 67 11.81 -24.25 12.99
CA ALA D 67 10.54 -24.40 12.26
C ALA D 67 9.99 -25.85 12.30
N GLY D 68 10.90 -26.83 12.30
CA GLY D 68 10.57 -28.28 12.39
C GLY D 68 9.70 -28.63 13.59
N ASN D 69 9.68 -27.75 14.62
CA ASN D 69 8.81 -27.98 15.78
C ASN D 69 7.34 -27.57 15.57
N TYR D 70 7.03 -26.91 14.46
CA TYR D 70 5.67 -26.36 14.31
C TYR D 70 4.90 -26.98 13.18
N ASP D 71 3.57 -26.93 13.27
CA ASP D 71 2.74 -27.24 12.09
C ASP D 71 2.61 -26.05 11.11
N TYR D 72 2.46 -24.86 11.66
CA TYR D 72 2.19 -23.72 10.83
C TYR D 72 3.03 -22.56 11.26
N ILE D 73 3.45 -21.76 10.29
CA ILE D 73 4.04 -20.48 10.59
C ILE D 73 3.15 -19.36 10.02
N ALA D 74 2.72 -18.41 10.86
CA ALA D 74 1.82 -17.34 10.47
C ALA D 74 2.48 -15.99 10.71
N ILE D 75 2.59 -15.18 9.66
CA ILE D 75 3.45 -14.00 9.71
C ILE D 75 2.56 -12.77 9.37
N GLY D 76 2.70 -11.65 10.08
CA GLY D 76 1.99 -10.44 9.71
C GLY D 76 2.52 -9.97 8.35
N SER D 77 1.61 -9.68 7.41
CA SER D 77 2.00 -9.18 6.07
C SER D 77 2.51 -7.70 6.10
N THR D 78 3.81 -7.55 6.29
CA THR D 78 4.56 -6.28 6.22
C THR D 78 5.64 -6.57 5.17
N GLU D 79 6.32 -5.53 4.70
CA GLU D 79 7.40 -5.76 3.77
C GLU D 79 8.33 -6.84 4.30
N VAL D 80 8.76 -6.67 5.55
CA VAL D 80 9.69 -7.65 6.13
C VAL D 80 9.05 -9.03 6.24
N GLY D 81 7.80 -9.11 6.71
CA GLY D 81 7.17 -10.44 6.95
C GLY D 81 6.96 -11.19 5.63
N ARG D 82 6.65 -10.45 4.58
CA ARG D 82 6.55 -11.02 3.24
C ARG D 82 7.84 -11.58 2.75
N GLU D 83 8.95 -10.87 3.01
CA GLU D 83 10.25 -11.39 2.61
C GLU D 83 10.56 -12.64 3.40
N ILE D 84 10.26 -12.61 4.70
CA ILE D 84 10.47 -13.78 5.55
C ILE D 84 9.62 -14.97 5.04
N ALA D 85 8.35 -14.74 4.70
CA ALA D 85 7.46 -15.83 4.27
C ALA D 85 8.02 -16.47 3.00
N GLY D 86 8.50 -15.64 2.08
CA GLY D 86 9.03 -16.12 0.80
C GLY D 86 10.29 -16.94 0.96
N TYR D 87 11.17 -16.51 1.87
CA TYR D 87 12.43 -17.25 2.16
C TYR D 87 12.13 -18.62 2.82
N LEU D 88 11.25 -18.59 3.82
CA LEU D 88 10.77 -19.81 4.50
C LEU D 88 10.03 -20.75 3.53
N SER D 89 9.16 -20.22 2.67
CA SER D 89 8.53 -21.10 1.65
C SER D 89 9.57 -21.79 0.77
N PHE D 90 10.55 -20.98 0.32
CA PHE D 90 11.62 -21.49 -0.50
C PHE D 90 12.44 -22.57 0.22
N LYS D 91 12.81 -22.34 1.48
CA LYS D 91 13.68 -23.30 2.16
C LYS D 91 12.87 -24.53 2.56
N THR D 92 11.61 -24.35 2.96
CA THR D 92 10.83 -25.51 3.41
C THR D 92 10.11 -26.25 2.32
N GLY D 93 9.91 -25.65 1.15
CA GLY D 93 9.04 -26.29 0.14
C GLY D 93 7.52 -26.17 0.43
N PHE D 94 7.11 -25.41 1.43
CA PHE D 94 5.67 -25.29 1.68
C PHE D 94 5.02 -24.12 0.96
N TYR D 95 3.79 -24.31 0.52
CA TYR D 95 3.01 -23.23 -0.03
C TYR D 95 2.69 -22.15 1.04
N THR D 96 2.65 -20.88 0.62
CA THR D 96 2.17 -19.76 1.45
C THR D 96 0.73 -19.32 1.03
N ALA D 97 -0.18 -19.26 2.00
CA ALA D 97 -1.51 -18.66 1.76
C ALA D 97 -1.37 -17.22 2.22
N THR D 98 -1.78 -16.27 1.40
CA THR D 98 -1.37 -14.87 1.57
C THR D 98 -2.51 -13.95 1.95
N GLU D 99 -2.19 -12.93 2.76
CA GLU D 99 -3.10 -11.85 3.11
C GLU D 99 -4.43 -12.31 3.72
N ILE D 100 -4.38 -13.38 4.48
CA ILE D 100 -5.61 -13.98 4.98
C ILE D 100 -6.23 -13.14 6.11
N PHE D 101 -7.56 -13.24 6.20
CA PHE D 101 -8.27 -12.73 7.34
C PHE D 101 -8.99 -13.86 8.06
N SER D 102 -8.93 -15.07 7.53
CA SER D 102 -9.60 -16.19 8.17
C SER D 102 -8.83 -17.52 7.95
N LEU D 103 -8.82 -18.33 9.00
CA LEU D 103 -8.11 -19.63 9.01
C LEU D 103 -8.92 -20.73 9.66
N GLU D 104 -9.22 -21.76 8.89
CA GLU D 104 -9.91 -22.94 9.37
C GLU D 104 -9.21 -24.15 8.70
N PHE D 105 -9.62 -25.35 9.08
CA PHE D 105 -8.97 -26.55 8.60
C PHE D 105 -9.94 -27.50 8.04
N ASN D 106 -9.52 -28.18 7.02
CA ASN D 106 -10.32 -29.28 6.56
C ASN D 106 -9.40 -30.50 6.47
N GLY D 107 -9.46 -31.37 7.47
CA GLY D 107 -8.49 -32.47 7.58
C GLY D 107 -7.12 -31.80 7.69
N GLN D 108 -6.20 -32.09 6.77
CA GLN D 108 -4.87 -31.48 6.87
C GLN D 108 -4.73 -30.25 5.96
N LYS D 109 -5.79 -29.83 5.29
CA LYS D 109 -5.73 -28.58 4.51
C LYS D 109 -6.03 -27.35 5.35
N ALA D 110 -5.36 -26.25 5.04
CA ALA D 110 -5.70 -24.93 5.53
C ALA D 110 -6.83 -24.33 4.65
N HIS D 111 -7.87 -23.84 5.31
CA HIS D 111 -9.00 -23.27 4.59
C HIS D 111 -8.98 -21.78 4.93
N THR D 112 -8.60 -20.98 3.94
CA THR D 112 -8.34 -19.54 4.17
C THR D 112 -9.23 -18.65 3.30
N LYS D 113 -9.42 -17.40 3.74
CA LYS D 113 -10.04 -16.35 2.93
C LYS D 113 -9.16 -15.13 2.99
N ARG D 114 -9.09 -14.39 1.86
CA ARG D 114 -8.41 -13.07 1.76
C ARG D 114 -9.30 -12.19 0.94
N PHE D 115 -9.08 -10.88 1.06
CA PHE D 115 -9.78 -9.95 0.24
C PHE D 115 -8.97 -9.78 -1.03
N PHE D 116 -9.69 -9.42 -2.09
CA PHE D 116 -9.10 -8.99 -3.36
C PHE D 116 -9.77 -7.69 -3.79
N TYR D 117 -9.06 -6.89 -4.56
CA TYR D 117 -9.60 -5.64 -5.15
C TYR D 117 -10.13 -4.65 -4.10
N GLY D 118 -9.34 -4.41 -3.06
CA GLY D 118 -9.70 -3.44 -2.03
C GLY D 118 -10.82 -3.89 -1.11
N GLY D 119 -11.37 -5.07 -1.36
CA GLY D 119 -12.47 -5.56 -0.56
C GLY D 119 -13.72 -5.90 -1.33
N LYS D 120 -13.73 -5.65 -2.64
N LYS D 120 -13.69 -5.66 -2.63
CA LYS D 120 -14.88 -6.05 -3.49
CA LYS D 120 -14.76 -6.04 -3.58
C LYS D 120 -15.05 -7.58 -3.66
C LYS D 120 -15.03 -7.56 -3.66
N THR D 121 -13.99 -8.35 -3.43
CA THR D 121 -13.97 -9.79 -3.70
C THR D 121 -13.31 -10.54 -2.51
N VAL D 122 -13.88 -11.69 -2.15
CA VAL D 122 -13.25 -12.60 -1.23
C VAL D 122 -12.86 -13.89 -1.97
N ILE D 123 -11.63 -14.35 -1.76
CA ILE D 123 -11.08 -15.55 -2.36
C ILE D 123 -10.94 -16.53 -1.21
N GLU D 124 -11.55 -17.69 -1.38
CA GLU D 124 -11.53 -18.73 -0.40
C GLU D 124 -10.76 -19.90 -1.03
N GLU D 125 -9.72 -20.36 -0.32
CA GLU D 125 -8.81 -21.39 -0.81
C GLU D 125 -8.71 -22.53 0.20
N GLU D 126 -8.60 -23.76 -0.30
CA GLU D 126 -8.20 -24.86 0.57
C GLU D 126 -6.91 -25.40 -0.03
N SER D 127 -5.81 -25.43 0.72
CA SER D 127 -4.52 -25.79 0.12
C SER D 127 -3.70 -26.53 1.14
N ASP D 128 -2.49 -26.86 0.72
CA ASP D 128 -1.57 -27.54 1.57
C ASP D 128 -0.68 -26.52 2.30
N ALA D 129 -1.07 -25.24 2.25
CA ALA D 129 -0.26 -24.17 2.88
C ALA D 129 0.16 -24.47 4.31
N ARG D 130 1.44 -24.20 4.61
N ARG D 130 1.43 -24.20 4.60
CA ARG D 130 1.92 -24.25 5.98
CA ARG D 130 1.90 -24.26 5.97
C ARG D 130 2.51 -22.92 6.44
C ARG D 130 2.52 -22.94 6.42
N ILE D 131 2.64 -21.99 5.51
CA ILE D 131 3.13 -20.65 5.81
C ILE D 131 1.95 -19.74 5.48
N LEU D 132 1.62 -18.84 6.39
CA LEU D 132 0.49 -17.95 6.19
C LEU D 132 0.99 -16.54 6.39
N THR D 133 0.47 -15.57 5.62
CA THR D 133 0.60 -14.16 5.95
C THR D 133 -0.79 -13.61 6.19
N VAL D 134 -0.88 -12.72 7.16
CA VAL D 134 -2.12 -12.19 7.63
C VAL D 134 -2.20 -10.74 7.19
N ALA D 135 -3.31 -10.33 6.59
CA ALA D 135 -3.56 -8.94 6.17
C ALA D 135 -3.59 -7.97 7.38
N PRO D 136 -3.01 -6.75 7.21
CA PRO D 136 -2.97 -5.76 8.29
C PRO D 136 -4.39 -5.24 8.52
N GLY D 137 -4.74 -5.00 9.78
CA GLY D 137 -5.99 -4.32 10.17
C GLY D 137 -7.27 -5.13 10.01
N VAL D 138 -7.16 -6.41 9.65
CA VAL D 138 -8.36 -7.19 9.47
C VAL D 138 -8.78 -7.90 10.76
N ILE D 139 -7.81 -8.13 11.65
CA ILE D 139 -8.05 -8.75 12.93
C ILE D 139 -7.86 -7.70 14.02
N GLU D 140 -8.85 -7.60 14.87
CA GLU D 140 -8.76 -6.77 16.06
C GLU D 140 -8.05 -7.53 17.19
N ALA D 141 -6.90 -7.02 17.64
CA ALA D 141 -6.14 -7.64 18.72
C ALA D 141 -6.98 -7.74 20.02
N LYS D 142 -6.92 -8.90 20.68
CA LYS D 142 -7.50 -9.08 22.02
C LYS D 142 -6.34 -9.30 22.97
N ASP D 143 -6.49 -8.90 24.23
CA ASP D 143 -5.60 -9.43 25.27
C ASP D 143 -5.80 -10.93 25.42
N LEU D 144 -4.71 -11.70 25.40
CA LEU D 144 -4.86 -13.13 25.38
C LEU D 144 -4.60 -13.80 26.73
N GLY D 145 -4.32 -13.00 27.76
CA GLY D 145 -4.06 -13.52 29.12
C GLY D 145 -2.60 -13.86 29.37
N THR D 146 -2.14 -14.98 28.81
CA THR D 146 -0.76 -15.49 28.90
C THR D 146 0.32 -14.47 28.56
N THR D 147 1.38 -14.47 29.35
CA THR D 147 2.60 -13.75 29.02
C THR D 147 3.73 -14.77 28.81
N PRO D 148 4.35 -14.75 27.63
CA PRO D 148 5.31 -15.78 27.29
C PRO D 148 6.64 -15.56 27.99
N GLU D 149 7.41 -16.62 28.15
CA GLU D 149 8.81 -16.42 28.52
C GLU D 149 9.55 -15.91 27.30
N ILE D 150 10.64 -15.19 27.50
CA ILE D 150 11.34 -14.54 26.41
C ILE D 150 12.69 -15.19 26.21
N ARG D 151 13.04 -15.49 24.94
CA ARG D 151 14.35 -16.04 24.60
C ARG D 151 14.88 -15.32 23.39
N ASP D 152 16.15 -15.52 23.09
CA ASP D 152 16.72 -14.87 21.93
C ASP D 152 16.56 -15.79 20.74
N LEU D 153 16.09 -15.24 19.63
CA LEU D 153 16.15 -15.98 18.40
C LEU D 153 17.61 -16.13 18.02
N GLU D 154 17.98 -17.34 17.61
CA GLU D 154 19.36 -17.63 17.19
C GLU D 154 19.50 -17.32 15.71
N ILE D 155 19.84 -16.07 15.43
CA ILE D 155 19.89 -15.51 14.10
C ILE D 155 20.98 -16.18 13.20
N GLY D 156 20.68 -16.31 11.91
CA GLY D 156 21.62 -16.95 10.99
C GLY D 156 22.49 -15.89 10.37
N GLN D 157 23.10 -16.25 9.25
CA GLN D 157 23.98 -15.36 8.48
C GLN D 157 23.13 -14.52 7.51
N SER D 158 23.57 -13.29 7.24
CA SER D 158 22.90 -12.48 6.24
C SER D 158 23.78 -12.36 4.98
N ARG D 159 23.16 -12.45 3.82
CA ARG D 159 23.90 -12.32 2.55
C ARG D 159 23.51 -11.07 1.75
N ILE D 160 22.48 -10.34 2.19
CA ILE D 160 21.95 -9.24 1.38
C ILE D 160 22.72 -7.97 1.72
N LYS D 161 22.74 -7.01 0.81
CA LYS D 161 23.48 -5.80 1.04
C LYS D 161 22.46 -4.69 1.30
N ILE D 162 22.63 -3.96 2.40
CA ILE D 162 21.67 -2.97 2.81
C ILE D 162 22.26 -1.60 2.76
N THR D 163 21.60 -0.69 2.07
CA THR D 163 22.12 0.67 1.99
C THR D 163 21.02 1.62 2.45
N LYS D 164 21.39 2.46 3.42
CA LYS D 164 20.47 3.37 4.06
C LYS D 164 20.58 4.77 3.45
N PHE D 165 19.43 5.40 3.23
CA PHE D 165 19.37 6.72 2.63
C PHE D 165 18.60 7.68 3.54
#